data_1R05
#
_entry.id   1R05
#
_entity_poly.entity_id   1
_entity_poly.type   'polypeptide(L)'
_entity_poly.pdbx_seq_one_letter_code
;MADKRAHHNALERKRRDHIKDSFHSLRDSVPSLQGEKASRAQILDKATEYIQYMRRKVHTLQQDIDDLKRQNALLEQQVR
ALEGSGC
;
_entity_poly.pdbx_strand_id   A,B
#
# COMPACT_ATOMS: atom_id res chain seq x y z
N MET A 1 -0.09 -25.88 39.47
CA MET A 1 -0.15 -24.58 38.73
C MET A 1 -0.44 -24.82 37.25
N ALA A 2 0.16 -25.83 36.68
CA ALA A 2 -0.08 -26.12 35.24
C ALA A 2 0.27 -27.58 34.93
N ASP A 3 -0.50 -28.21 34.08
CA ASP A 3 -0.20 -29.64 33.74
C ASP A 3 1.06 -29.73 32.87
N LYS A 4 0.94 -29.44 31.61
CA LYS A 4 2.14 -29.51 30.71
C LYS A 4 3.04 -28.30 30.95
N ARG A 5 4.25 -28.34 30.47
CA ARG A 5 5.18 -27.19 30.67
C ARG A 5 4.96 -26.14 29.60
N ALA A 6 5.70 -26.20 28.52
CA ALA A 6 5.53 -25.19 27.44
C ALA A 6 5.64 -23.78 28.01
N HIS A 7 4.55 -23.22 28.45
CA HIS A 7 4.58 -21.84 29.02
C HIS A 7 4.11 -21.86 30.48
N HIS A 8 3.59 -20.76 30.97
CA HIS A 8 3.11 -20.72 32.38
C HIS A 8 1.60 -20.48 32.41
N ASN A 9 0.83 -21.39 31.89
CA ASN A 9 -0.65 -21.21 31.90
C ASN A 9 -1.04 -19.99 31.06
N ALA A 10 -0.12 -19.44 30.32
CA ALA A 10 -0.44 -18.26 29.48
C ALA A 10 -0.57 -18.68 28.02
N LEU A 11 -0.66 -17.73 27.11
CA LEU A 11 -0.78 -18.09 25.67
C LEU A 11 0.22 -19.19 25.32
N GLU A 12 -0.23 -20.25 24.69
CA GLU A 12 0.70 -21.35 24.33
C GLU A 12 1.71 -20.88 23.28
N ARG A 13 2.28 -21.80 22.55
CA ARG A 13 3.28 -21.44 21.50
C ARG A 13 4.19 -20.29 21.98
N LYS A 14 4.69 -19.51 21.07
CA LYS A 14 5.57 -18.37 21.46
C LYS A 14 5.74 -17.41 20.28
N ARG A 15 6.86 -16.76 20.17
CA ARG A 15 7.05 -15.80 19.03
C ARG A 15 7.55 -16.54 17.79
N ARG A 16 7.13 -17.76 17.60
CA ARG A 16 7.57 -18.53 16.40
C ARG A 16 6.41 -18.62 15.40
N ASP A 17 5.23 -18.30 15.84
CA ASP A 17 4.05 -18.35 14.93
C ASP A 17 3.33 -17.00 14.90
N HIS A 18 3.85 -16.03 15.62
CA HIS A 18 3.19 -14.69 15.63
C HIS A 18 2.88 -14.28 14.19
N ILE A 19 3.70 -14.68 13.25
CA ILE A 19 3.41 -14.33 11.83
C ILE A 19 2.00 -14.79 11.49
N LYS A 20 1.83 -16.06 11.21
CA LYS A 20 0.46 -16.60 10.88
C LYS A 20 -0.63 -15.76 11.56
N ASP A 21 -0.43 -15.39 12.79
CA ASP A 21 -1.45 -14.55 13.47
C ASP A 21 -1.63 -13.27 12.65
N SER A 22 -0.62 -12.44 12.60
CA SER A 22 -0.74 -11.21 11.77
C SER A 22 -1.11 -11.62 10.35
N PHE A 23 -0.51 -12.67 9.85
CA PHE A 23 -0.86 -13.16 8.48
C PHE A 23 -2.37 -13.14 8.33
N HIS A 24 -3.06 -13.88 9.17
CA HIS A 24 -4.54 -13.90 9.08
C HIS A 24 -5.04 -12.47 8.83
N SER A 25 -4.61 -11.54 9.64
CA SER A 25 -5.03 -10.13 9.41
C SER A 25 -4.68 -9.75 7.98
N LEU A 26 -3.50 -10.11 7.55
CA LEU A 26 -3.09 -9.80 6.15
C LEU A 26 -3.97 -10.59 5.18
N ARG A 27 -4.30 -11.81 5.52
CA ARG A 27 -5.17 -12.62 4.63
C ARG A 27 -6.32 -11.76 4.11
N ASP A 28 -6.87 -10.95 4.97
CA ASP A 28 -7.99 -10.07 4.52
C ASP A 28 -7.42 -8.85 3.80
N SER A 29 -6.19 -8.49 4.08
CA SER A 29 -5.60 -7.33 3.37
C SER A 29 -5.88 -7.49 1.88
N VAL A 30 -5.46 -8.59 1.30
CA VAL A 30 -5.74 -8.82 -0.13
C VAL A 30 -6.97 -9.72 -0.24
N PRO A 31 -8.04 -9.17 -0.70
CA PRO A 31 -9.29 -9.95 -0.83
C PRO A 31 -9.17 -10.94 -2.00
N SER A 32 -8.32 -10.65 -2.95
CA SER A 32 -8.15 -11.58 -4.11
C SER A 32 -7.09 -12.63 -3.76
N LEU A 33 -6.35 -12.41 -2.70
CA LEU A 33 -5.31 -13.39 -2.28
C LEU A 33 -5.92 -14.79 -2.20
N GLN A 34 -7.17 -14.87 -1.87
CA GLN A 34 -7.83 -16.21 -1.77
C GLN A 34 -7.71 -16.97 -3.09
N GLY A 35 -7.96 -16.31 -4.19
CA GLY A 35 -7.86 -17.00 -5.50
C GLY A 35 -6.39 -17.06 -5.94
N GLU A 36 -5.51 -16.46 -5.19
CA GLU A 36 -4.07 -16.49 -5.56
C GLU A 36 -3.24 -17.10 -4.43
N LYS A 37 -3.73 -18.14 -3.81
CA LYS A 37 -2.98 -18.78 -2.69
C LYS A 37 -1.51 -18.99 -3.08
N ALA A 38 -0.68 -18.02 -2.82
CA ALA A 38 0.76 -18.15 -3.18
C ALA A 38 1.59 -18.56 -1.96
N SER A 39 1.38 -19.75 -1.45
CA SER A 39 2.15 -20.21 -0.26
C SER A 39 1.81 -19.37 0.97
N ARG A 40 2.26 -19.77 2.12
CA ARG A 40 1.96 -19.00 3.37
C ARG A 40 2.24 -17.51 3.15
N ALA A 41 3.32 -17.20 2.49
CA ALA A 41 3.66 -15.76 2.23
C ALA A 41 2.78 -15.19 1.12
N GLN A 42 1.80 -15.93 0.69
CA GLN A 42 0.90 -15.42 -0.39
C GLN A 42 0.51 -13.96 -0.13
N ILE A 43 0.27 -13.60 1.11
CA ILE A 43 -0.10 -12.18 1.38
C ILE A 43 1.16 -11.34 1.27
N LEU A 44 2.29 -11.95 1.52
CA LEU A 44 3.58 -11.21 1.40
C LEU A 44 3.86 -10.91 -0.07
N ASP A 45 3.63 -11.88 -0.92
CA ASP A 45 3.84 -11.63 -2.38
C ASP A 45 3.06 -10.38 -2.77
N LYS A 46 1.82 -10.30 -2.37
CA LYS A 46 1.02 -9.10 -2.70
C LYS A 46 1.36 -7.96 -1.74
N ALA A 47 1.57 -8.27 -0.49
CA ALA A 47 1.93 -7.20 0.49
C ALA A 47 3.15 -6.43 -0.02
N THR A 48 4.11 -7.14 -0.56
CA THR A 48 5.33 -6.45 -1.08
C THR A 48 5.00 -5.67 -2.34
N GLU A 49 4.18 -6.22 -3.20
CA GLU A 49 3.81 -5.48 -4.44
C GLU A 49 2.96 -4.26 -4.09
N TYR A 50 2.12 -4.37 -3.09
CA TYR A 50 1.26 -3.22 -2.70
C TYR A 50 2.14 -2.07 -2.17
N ILE A 51 2.70 -2.23 -1.00
CA ILE A 51 3.56 -1.16 -0.43
C ILE A 51 4.43 -0.53 -1.51
N GLN A 52 4.91 -1.32 -2.44
CA GLN A 52 5.77 -0.76 -3.52
C GLN A 52 4.90 -0.07 -4.57
N TYR A 53 4.22 -0.83 -5.39
CA TYR A 53 3.35 -0.20 -6.43
C TYR A 53 2.36 0.77 -5.77
N MET A 54 1.61 0.30 -4.81
CA MET A 54 0.63 1.20 -4.13
C MET A 54 1.31 2.53 -3.80
N ARG A 55 2.49 2.49 -3.25
CA ARG A 55 3.21 3.75 -2.91
C ARG A 55 3.51 4.52 -4.20
N ARG A 56 3.99 3.85 -5.21
CA ARG A 56 4.29 4.53 -6.49
C ARG A 56 3.06 5.30 -6.96
N LYS A 57 1.90 4.69 -6.92
CA LYS A 57 0.66 5.39 -7.36
C LYS A 57 0.48 6.68 -6.56
N VAL A 58 0.52 6.59 -5.25
CA VAL A 58 0.34 7.82 -4.42
C VAL A 58 1.24 8.94 -4.96
N HIS A 59 2.53 8.70 -5.02
CA HIS A 59 3.45 9.76 -5.53
C HIS A 59 2.90 10.34 -6.83
N THR A 60 2.81 9.55 -7.86
CA THR A 60 2.28 10.07 -9.16
C THR A 60 0.87 10.63 -8.95
N LEU A 61 0.08 10.00 -8.13
CA LEU A 61 -1.29 10.50 -7.88
C LEU A 61 -1.23 11.93 -7.33
N GLN A 62 -0.94 12.08 -6.07
CA GLN A 62 -0.86 13.45 -5.49
C GLN A 62 -0.14 14.40 -6.45
N GLN A 63 0.73 13.88 -7.27
CA GLN A 63 1.44 14.74 -8.24
C GLN A 63 0.43 15.45 -9.14
N ASP A 64 -0.55 14.73 -9.64
CA ASP A 64 -1.57 15.37 -10.52
C ASP A 64 -2.55 16.17 -9.67
N ILE A 65 -2.60 15.92 -8.38
CA ILE A 65 -3.53 16.68 -7.51
C ILE A 65 -2.88 18.03 -7.18
N ASP A 66 -1.62 18.03 -6.88
CA ASP A 66 -0.92 19.30 -6.56
C ASP A 66 -0.97 20.22 -7.80
N ASP A 67 -0.82 19.65 -8.96
CA ASP A 67 -0.87 20.47 -10.21
C ASP A 67 -2.32 20.92 -10.45
N LEU A 68 -3.24 20.01 -10.34
CA LEU A 68 -4.67 20.38 -10.55
C LEU A 68 -5.11 21.38 -9.47
N LYS A 69 -4.62 21.18 -8.27
CA LYS A 69 -4.99 22.12 -7.16
C LYS A 69 -4.59 23.54 -7.53
N ARG A 70 -3.41 23.72 -8.06
CA ARG A 70 -2.96 25.08 -8.45
C ARG A 70 -3.81 25.59 -9.62
N GLN A 71 -4.17 24.73 -10.51
CA GLN A 71 -5.00 25.16 -11.68
C GLN A 71 -6.31 25.79 -11.18
N ASN A 72 -7.31 24.99 -10.94
CA ASN A 72 -8.61 25.55 -10.46
C ASN A 72 -8.36 26.67 -9.44
N ALA A 73 -7.26 26.63 -8.74
CA ALA A 73 -6.98 27.70 -7.75
C ALA A 73 -6.78 29.03 -8.49
N LEU A 74 -5.89 29.05 -9.43
CA LEU A 74 -5.66 30.30 -10.21
C LEU A 74 -6.71 30.40 -11.31
N LEU A 75 -7.23 29.27 -11.73
CA LEU A 75 -8.27 29.27 -12.79
C LEU A 75 -9.53 29.98 -12.28
N GLU A 76 -10.03 29.58 -11.14
CA GLU A 76 -11.24 30.24 -10.57
C GLU A 76 -10.90 31.67 -10.15
N GLN A 77 -9.67 31.90 -9.77
CA GLN A 77 -9.27 33.28 -9.35
C GLN A 77 -9.35 34.22 -10.54
N GLN A 78 -9.50 33.69 -11.73
CA GLN A 78 -9.60 34.54 -12.94
C GLN A 78 -11.04 34.52 -13.40
N VAL A 79 -11.65 33.38 -13.31
CA VAL A 79 -13.07 33.25 -13.69
C VAL A 79 -13.91 34.16 -12.78
N ARG A 80 -13.40 34.46 -11.61
CA ARG A 80 -14.14 35.34 -10.67
C ARG A 80 -13.54 36.75 -10.72
N ALA A 81 -12.28 36.86 -11.04
CA ALA A 81 -11.64 38.21 -11.12
C ALA A 81 -11.87 38.81 -12.50
N LEU A 82 -12.72 38.21 -13.29
CA LEU A 82 -12.99 38.76 -14.65
C LEU A 82 -14.48 39.08 -14.80
N GLU A 83 -15.33 38.16 -14.46
CA GLU A 83 -16.80 38.40 -14.58
C GLU A 83 -17.17 39.73 -13.91
N GLY A 84 -18.05 40.49 -14.50
CA GLY A 84 -18.44 41.78 -13.89
C GLY A 84 -17.69 42.93 -14.59
N SER A 85 -17.79 42.99 -15.89
CA SER A 85 -17.08 44.08 -16.63
C SER A 85 -15.56 43.94 -16.46
N GLY A 86 -14.88 43.56 -17.51
CA GLY A 86 -13.40 43.39 -17.41
C GLY A 86 -12.78 43.44 -18.81
N CYS A 87 -13.46 42.89 -19.78
CA CYS A 87 -12.92 42.88 -21.18
C CYS A 87 -12.25 44.23 -21.49
N MET B 1 24.71 -39.65 -6.46
CA MET B 1 23.88 -38.52 -6.94
C MET B 1 23.84 -37.40 -5.89
N ALA B 2 23.73 -37.75 -4.64
CA ALA B 2 23.69 -36.70 -3.58
C ALA B 2 24.12 -37.30 -2.23
N ASP B 3 24.83 -36.56 -1.44
CA ASP B 3 25.28 -37.08 -0.12
C ASP B 3 24.08 -37.18 0.84
N LYS B 4 23.67 -36.07 1.40
CA LYS B 4 22.52 -36.10 2.34
C LYS B 4 21.21 -36.24 1.55
N ARG B 5 20.13 -36.56 2.22
CA ARG B 5 18.83 -36.72 1.51
C ARG B 5 18.14 -35.36 1.38
N ALA B 6 17.29 -35.01 2.30
CA ALA B 6 16.59 -33.70 2.22
C ALA B 6 15.90 -33.56 0.86
N HIS B 7 16.59 -33.04 -0.11
CA HIS B 7 15.98 -32.88 -1.47
C HIS B 7 16.76 -33.67 -2.51
N HIS B 8 16.71 -33.27 -3.75
CA HIS B 8 17.45 -34.01 -4.81
C HIS B 8 18.55 -33.12 -5.42
N ASN B 9 19.51 -32.73 -4.63
CA ASN B 9 20.60 -31.85 -5.16
C ASN B 9 20.03 -30.50 -5.61
N ALA B 10 18.79 -30.23 -5.30
CA ALA B 10 18.18 -28.94 -5.70
C ALA B 10 18.12 -27.99 -4.50
N LEU B 11 17.44 -26.89 -4.63
CA LEU B 11 17.34 -25.94 -3.49
C LEU B 11 17.03 -26.70 -2.20
N GLU B 12 17.79 -26.46 -1.16
CA GLU B 12 17.54 -27.18 0.12
C GLU B 12 16.19 -26.77 0.72
N ARG B 13 16.03 -26.94 2.01
CA ARG B 13 14.74 -26.57 2.68
C ARG B 13 13.54 -26.91 1.79
N LYS B 14 12.48 -26.18 1.94
CA LYS B 14 11.26 -26.44 1.11
C LYS B 14 10.29 -25.26 1.21
N ARG B 15 9.01 -25.50 1.10
CA ARG B 15 8.04 -24.37 1.19
C ARG B 15 7.70 -24.05 2.65
N ARG B 16 8.64 -24.23 3.54
CA ARG B 16 8.37 -23.93 4.98
C ARG B 16 9.07 -22.63 5.36
N ASP B 17 9.97 -22.16 4.53
CA ASP B 17 10.70 -20.90 4.84
C ASP B 17 10.52 -19.90 3.69
N HIS B 18 9.80 -20.28 2.66
CA HIS B 18 9.60 -19.35 1.52
C HIS B 18 9.23 -17.96 2.05
N ILE B 19 8.54 -17.91 3.15
CA ILE B 19 8.18 -16.58 3.73
C ILE B 19 9.46 -15.76 3.90
N LYS B 20 10.22 -16.03 4.95
CA LYS B 20 11.51 -15.28 5.17
C LYS B 20 12.10 -14.82 3.85
N ASP B 21 12.09 -15.66 2.85
CA ASP B 21 12.63 -15.23 1.53
C ASP B 21 11.87 -13.98 1.08
N SER B 22 10.61 -14.12 0.79
CA SER B 22 9.81 -12.93 0.39
C SER B 22 9.93 -11.88 1.50
N PHE B 23 9.89 -12.31 2.73
CA PHE B 23 10.06 -11.34 3.86
C PHE B 23 11.21 -10.41 3.54
N HIS B 24 12.39 -10.97 3.36
CA HIS B 24 13.56 -10.11 3.02
C HIS B 24 13.13 -9.05 2.01
N SER B 25 12.50 -9.46 0.94
CA SER B 25 12.01 -8.46 -0.05
C SER B 25 11.13 -7.44 0.68
N LEU B 26 10.27 -7.92 1.54
CA LEU B 26 9.40 -7.00 2.31
C LEU B 26 10.26 -6.17 3.26
N ARG B 27 11.27 -6.77 3.84
CA ARG B 27 12.16 -6.02 4.77
C ARG B 27 12.48 -4.65 4.17
N ASP B 28 12.72 -4.61 2.88
CA ASP B 28 13.01 -3.30 2.22
C ASP B 28 11.70 -2.56 1.94
N SER B 29 10.61 -3.26 1.85
CA SER B 29 9.31 -2.56 1.61
C SER B 29 9.22 -1.40 2.60
N VAL B 30 9.32 -1.70 3.87
CA VAL B 30 9.27 -0.62 4.88
C VAL B 30 10.71 -0.27 5.29
N PRO B 31 11.14 0.89 4.89
CA PRO B 31 12.53 1.31 5.20
C PRO B 31 12.64 1.66 6.69
N SER B 32 11.55 2.03 7.31
CA SER B 32 11.59 2.35 8.76
C SER B 32 11.41 1.08 9.60
N LEU B 33 10.99 0.01 8.96
CA LEU B 33 10.80 -1.28 9.68
C LEU B 33 12.06 -1.62 10.47
N GLN B 34 13.20 -1.21 9.98
CA GLN B 34 14.46 -1.52 10.70
C GLN B 34 14.41 -0.96 12.13
N GLY B 35 13.96 0.26 12.29
CA GLY B 35 13.90 0.86 13.65
C GLY B 35 12.64 0.34 14.36
N GLU B 36 11.82 -0.41 13.69
CA GLU B 36 10.58 -0.93 14.35
C GLU B 36 10.56 -2.46 14.28
N LYS B 37 11.68 -3.09 14.51
CA LYS B 37 11.73 -4.58 14.46
C LYS B 37 10.56 -5.17 15.26
N ALA B 38 9.45 -5.40 14.62
CA ALA B 38 8.27 -5.97 15.33
C ALA B 38 8.16 -7.48 15.07
N SER B 39 9.11 -8.24 15.54
CA SER B 39 9.06 -9.72 15.33
C SER B 39 9.21 -10.06 13.85
N ARG B 40 9.39 -11.31 13.53
CA ARG B 40 9.56 -11.70 12.10
C ARG B 40 8.46 -11.06 11.23
N ALA B 41 7.26 -11.02 11.72
CA ALA B 41 6.15 -10.40 10.94
C ALA B 41 6.24 -8.87 10.99
N GLN B 42 7.30 -8.35 11.53
CA GLN B 42 7.44 -6.87 11.62
C GLN B 42 7.06 -6.22 10.29
N ILE B 43 7.39 -6.83 9.18
CA ILE B 43 6.99 -6.21 7.88
C ILE B 43 5.50 -6.44 7.68
N LEU B 44 4.99 -7.49 8.27
CA LEU B 44 3.54 -7.78 8.16
C LEU B 44 2.76 -6.74 8.95
N ASP B 45 3.22 -6.42 10.12
CA ASP B 45 2.52 -5.39 10.93
C ASP B 45 2.37 -4.13 10.07
N LYS B 46 3.43 -3.72 9.42
CA LYS B 46 3.33 -2.51 8.56
C LYS B 46 2.70 -2.90 7.21
N ALA B 47 3.05 -4.05 6.69
CA ALA B 47 2.45 -4.47 5.39
C ALA B 47 0.92 -4.45 5.48
N THR B 48 0.39 -4.88 6.59
CA THR B 48 -1.09 -4.88 6.76
C THR B 48 -1.59 -3.43 6.91
N GLU B 49 -0.87 -2.62 7.62
CA GLU B 49 -1.32 -1.20 7.79
C GLU B 49 -1.20 -0.46 6.44
N TYR B 50 -0.19 -0.77 5.68
CA TYR B 50 -0.03 -0.10 4.36
C TYR B 50 -1.19 -0.46 3.43
N ILE B 51 -1.24 -1.67 2.96
CA ILE B 51 -2.34 -2.08 2.05
C ILE B 51 -3.67 -1.49 2.52
N GLN B 52 -3.89 -1.43 3.80
CA GLN B 52 -5.17 -0.87 4.32
C GLN B 52 -5.13 0.66 4.25
N TYR B 53 -4.41 1.29 5.15
CA TYR B 53 -4.34 2.77 5.12
C TYR B 53 -3.88 3.25 3.73
N MET B 54 -2.76 2.76 3.25
CA MET B 54 -2.29 3.18 1.91
C MET B 54 -3.46 3.16 0.92
N ARG B 55 -4.22 2.11 0.91
CA ARG B 55 -5.38 2.03 -0.01
C ARG B 55 -6.38 3.14 0.32
N ARG B 56 -6.67 3.31 1.59
CA ARG B 56 -7.63 4.37 1.98
C ARG B 56 -7.20 5.71 1.39
N LYS B 57 -5.93 6.03 1.50
CA LYS B 57 -5.43 7.32 0.94
C LYS B 57 -5.77 7.40 -0.55
N VAL B 58 -5.40 6.41 -1.31
CA VAL B 58 -5.70 6.43 -2.76
C VAL B 58 -7.16 6.82 -3.00
N HIS B 59 -8.07 6.06 -2.44
CA HIS B 59 -9.52 6.40 -2.63
C HIS B 59 -9.75 7.89 -2.37
N THR B 60 -9.52 8.34 -1.17
CA THR B 60 -9.73 9.78 -0.86
C THR B 60 -8.86 10.64 -1.77
N LEU B 61 -7.67 10.19 -2.06
CA LEU B 61 -6.77 10.97 -2.96
C LEU B 61 -7.43 11.17 -4.32
N GLN B 62 -7.41 10.16 -5.15
CA GLN B 62 -8.04 10.29 -6.49
C GLN B 62 -9.39 11.01 -6.37
N GLN B 63 -10.02 10.91 -5.23
CA GLN B 63 -11.33 11.61 -5.05
C GLN B 63 -11.15 13.11 -5.26
N ASP B 64 -10.12 13.68 -4.69
CA ASP B 64 -9.88 15.14 -4.87
C ASP B 64 -9.30 15.41 -6.25
N ILE B 65 -8.78 14.40 -6.89
CA ILE B 65 -8.22 14.60 -8.26
C ILE B 65 -9.35 14.59 -9.27
N ASP B 66 -10.29 13.70 -9.11
CA ASP B 66 -11.44 13.65 -10.05
C ASP B 66 -12.22 14.96 -9.94
N ASP B 67 -12.36 15.47 -8.74
CA ASP B 67 -13.09 16.75 -8.57
C ASP B 67 -12.25 17.90 -9.12
N LEU B 68 -10.99 17.94 -8.79
CA LEU B 68 -10.11 19.02 -9.30
C LEU B 68 -10.00 18.89 -10.83
N LYS B 69 -9.96 17.69 -11.33
CA LYS B 69 -9.87 17.50 -12.81
C LYS B 69 -11.05 18.17 -13.48
N ARG B 70 -12.23 17.99 -12.96
CA ARG B 70 -13.44 18.62 -13.58
C ARG B 70 -13.35 20.14 -13.43
N GLN B 71 -12.83 20.61 -12.33
CA GLN B 71 -12.72 22.08 -12.13
C GLN B 71 -11.88 22.71 -13.25
N ASN B 72 -10.59 22.72 -13.10
CA ASN B 72 -9.71 23.30 -14.16
C ASN B 72 -10.23 22.93 -15.55
N ALA B 73 -10.91 21.82 -15.67
CA ALA B 73 -11.44 21.41 -17.00
C ALA B 73 -12.51 22.42 -17.44
N LEU B 74 -13.49 22.63 -16.61
CA LEU B 74 -14.56 23.61 -16.95
C LEU B 74 -14.07 25.01 -16.60
N LEU B 75 -13.17 25.11 -15.67
CA LEU B 75 -12.61 26.43 -15.27
C LEU B 75 -11.87 27.05 -16.46
N GLU B 76 -10.94 26.32 -17.01
CA GLU B 76 -10.17 26.86 -18.18
C GLU B 76 -11.09 26.98 -19.39
N GLN B 77 -12.09 26.15 -19.47
CA GLN B 77 -13.04 26.23 -20.63
C GLN B 77 -13.81 27.55 -20.57
N GLN B 78 -13.73 28.25 -19.47
CA GLN B 78 -14.44 29.55 -19.35
C GLN B 78 -13.40 30.65 -19.42
N VAL B 79 -12.28 30.41 -18.82
CA VAL B 79 -11.17 31.40 -18.87
C VAL B 79 -10.75 31.59 -20.33
N ARG B 80 -10.99 30.60 -21.15
CA ARG B 80 -10.63 30.71 -22.59
C ARG B 80 -11.87 31.04 -23.41
N ALA B 81 -13.02 30.63 -22.94
CA ALA B 81 -14.28 30.91 -23.70
C ALA B 81 -14.80 32.31 -23.32
N LEU B 82 -14.01 33.07 -22.61
CA LEU B 82 -14.47 34.45 -22.22
C LEU B 82 -13.49 35.49 -22.75
N GLU B 83 -12.22 35.30 -22.53
CA GLU B 83 -11.22 36.29 -23.03
C GLU B 83 -11.45 36.58 -24.52
N GLY B 84 -11.32 37.81 -24.93
CA GLY B 84 -11.54 38.14 -26.36
C GLY B 84 -12.93 38.75 -26.54
N SER B 85 -13.25 39.76 -25.79
CA SER B 85 -14.60 40.38 -25.92
C SER B 85 -15.68 39.38 -25.50
N GLY B 86 -16.31 39.61 -24.38
CA GLY B 86 -17.38 38.67 -23.92
C GLY B 86 -18.27 39.36 -22.89
N CYS B 87 -17.69 40.19 -22.06
CA CYS B 87 -18.51 40.91 -21.03
C CYS B 87 -19.85 41.35 -21.62
N MET A 1 1.69 -32.71 36.83
CA MET A 1 3.12 -33.00 36.52
C MET A 1 3.34 -33.11 35.01
N ALA A 2 2.85 -34.15 34.40
CA ALA A 2 3.02 -34.31 32.93
C ALA A 2 1.67 -34.61 32.27
N ASP A 3 1.70 -35.07 31.04
CA ASP A 3 0.43 -35.38 30.34
C ASP A 3 -0.38 -34.10 30.11
N LYS A 4 0.24 -32.96 30.29
CA LYS A 4 -0.49 -31.68 30.07
C LYS A 4 -1.90 -31.76 30.67
N ARG A 5 -2.02 -31.61 31.96
CA ARG A 5 -3.36 -31.69 32.61
C ARG A 5 -4.25 -30.54 32.11
N ALA A 6 -4.87 -30.72 30.98
CA ALA A 6 -5.76 -29.63 30.44
C ALA A 6 -5.10 -28.26 30.64
N HIS A 7 -5.88 -27.27 30.96
CA HIS A 7 -5.29 -25.90 31.17
C HIS A 7 -4.53 -25.45 29.92
N HIS A 8 -4.15 -24.21 29.86
CA HIS A 8 -3.41 -23.70 28.69
C HIS A 8 -2.41 -22.61 29.11
N ASN A 9 -1.23 -22.63 28.57
CA ASN A 9 -0.23 -21.59 28.95
C ASN A 9 0.75 -21.36 27.79
N ALA A 10 1.27 -20.16 27.66
CA ALA A 10 2.22 -19.87 26.56
C ALA A 10 3.60 -19.56 27.14
N LEU A 11 4.37 -20.57 27.47
CA LEU A 11 5.73 -20.33 28.02
C LEU A 11 6.77 -20.36 26.91
N GLU A 12 6.36 -20.15 25.69
CA GLU A 12 7.34 -20.16 24.56
C GLU A 12 6.89 -19.18 23.47
N ARG A 13 7.10 -17.91 23.69
CA ARG A 13 6.69 -16.90 22.66
C ARG A 13 7.14 -17.36 21.26
N LYS A 14 8.43 -17.35 21.02
CA LYS A 14 8.92 -17.79 19.68
C LYS A 14 8.45 -16.82 18.59
N ARG A 15 8.28 -17.31 17.39
CA ARG A 15 7.82 -16.41 16.28
C ARG A 15 6.54 -16.98 15.66
N ARG A 16 6.15 -18.16 16.06
CA ARG A 16 4.91 -18.77 15.49
C ARG A 16 3.74 -17.79 15.53
N ASP A 17 3.66 -16.97 16.54
CA ASP A 17 2.53 -16.00 16.63
C ASP A 17 2.94 -14.63 16.06
N HIS A 18 4.18 -14.46 15.73
CA HIS A 18 4.62 -13.13 15.19
C HIS A 18 3.92 -12.79 13.87
N ILE A 19 4.40 -13.29 12.75
CA ILE A 19 3.73 -12.94 11.46
C ILE A 19 2.28 -13.43 11.45
N LYS A 20 2.05 -14.68 11.79
CA LYS A 20 0.64 -15.18 11.80
C LYS A 20 -0.31 -14.08 12.29
N ASP A 21 -0.18 -13.66 13.52
CA ASP A 21 -1.06 -12.56 14.01
C ASP A 21 -1.09 -11.47 12.96
N SER A 22 0.07 -11.13 12.45
CA SER A 22 0.13 -10.09 11.37
C SER A 22 -0.63 -10.60 10.15
N PHE A 23 -0.33 -11.81 9.73
CA PHE A 23 -1.05 -12.38 8.54
C PHE A 23 -2.56 -12.17 8.74
N HIS A 24 -3.12 -12.77 9.75
CA HIS A 24 -4.58 -12.60 9.99
C HIS A 24 -4.98 -11.14 9.79
N SER A 25 -4.29 -10.24 10.44
CA SER A 25 -4.61 -8.80 10.27
C SER A 25 -4.24 -8.36 8.86
N LEU A 26 -3.25 -9.00 8.30
CA LEU A 26 -2.82 -8.64 6.92
C LEU A 26 -3.87 -9.12 5.91
N ARG A 27 -4.34 -10.32 6.05
CA ARG A 27 -5.38 -10.81 5.11
C ARG A 27 -6.58 -9.85 5.18
N ASP A 28 -6.74 -9.22 6.31
CA ASP A 28 -7.87 -8.26 6.49
C ASP A 28 -7.60 -6.99 5.66
N SER A 29 -6.36 -6.70 5.40
CA SER A 29 -6.04 -5.49 4.59
C SER A 29 -6.46 -5.76 3.15
N VAL A 30 -6.29 -6.98 2.69
CA VAL A 30 -6.67 -7.32 1.33
C VAL A 30 -7.91 -8.21 1.38
N PRO A 31 -9.05 -7.59 1.35
CA PRO A 31 -10.34 -8.33 1.42
C PRO A 31 -10.57 -9.13 0.14
N SER A 32 -11.55 -9.99 0.15
CA SER A 32 -11.84 -10.82 -1.06
C SER A 32 -10.68 -11.77 -1.36
N LEU A 33 -9.70 -11.84 -0.50
CA LEU A 33 -8.55 -12.75 -0.73
C LEU A 33 -8.86 -14.14 -0.17
N GLN A 34 -8.83 -14.27 1.13
CA GLN A 34 -9.12 -15.58 1.75
C GLN A 34 -8.33 -16.70 1.07
N GLY A 35 -8.87 -17.29 0.03
CA GLY A 35 -8.13 -18.38 -0.67
C GLY A 35 -7.96 -18.03 -2.15
N GLU A 36 -7.57 -16.81 -2.44
CA GLU A 36 -7.38 -16.42 -3.87
C GLU A 36 -6.17 -17.15 -4.45
N LYS A 37 -5.38 -16.48 -5.23
CA LYS A 37 -4.19 -17.15 -5.83
C LYS A 37 -3.03 -17.16 -4.83
N ALA A 38 -3.01 -16.23 -3.91
CA ALA A 38 -1.91 -16.20 -2.90
C ALA A 38 -1.99 -17.43 -2.00
N SER A 39 -0.90 -17.78 -1.36
CA SER A 39 -0.92 -18.98 -0.47
C SER A 39 -0.04 -18.75 0.76
N ARG A 40 -0.02 -19.70 1.66
CA ARG A 40 0.80 -19.53 2.89
C ARG A 40 0.35 -18.25 3.62
N ALA A 41 1.15 -17.22 3.66
CA ALA A 41 0.70 -15.98 4.33
C ALA A 41 -0.30 -15.31 3.42
N GLN A 42 -0.16 -15.56 2.14
CA GLN A 42 -1.10 -14.96 1.14
C GLN A 42 -0.97 -13.43 1.07
N ILE A 43 -0.89 -12.76 2.18
CA ILE A 43 -0.79 -11.28 2.09
C ILE A 43 0.59 -10.89 1.58
N LEU A 44 1.64 -11.42 2.15
CA LEU A 44 3.01 -11.05 1.67
C LEU A 44 2.98 -10.86 0.16
N ASP A 45 2.32 -11.74 -0.54
CA ASP A 45 2.22 -11.60 -2.01
C ASP A 45 1.49 -10.28 -2.32
N LYS A 46 0.34 -10.08 -1.72
CA LYS A 46 -0.41 -8.82 -1.96
C LYS A 46 0.16 -7.68 -1.11
N ALA A 47 0.29 -7.90 0.18
CA ALA A 47 0.86 -6.87 1.11
C ALA A 47 1.89 -6.00 0.40
N THR A 48 2.91 -6.60 -0.16
CA THR A 48 3.93 -5.77 -0.85
C THR A 48 3.46 -5.37 -2.26
N GLU A 49 3.04 -6.29 -3.07
CA GLU A 49 2.58 -5.91 -4.44
C GLU A 49 1.67 -4.68 -4.31
N TYR A 50 0.99 -4.56 -3.20
CA TYR A 50 0.10 -3.39 -3.00
C TYR A 50 0.95 -2.16 -2.73
N ILE A 51 1.92 -2.27 -1.85
CA ILE A 51 2.80 -1.11 -1.56
C ILE A 51 3.46 -0.61 -2.85
N GLN A 52 4.33 -1.39 -3.42
CA GLN A 52 5.01 -0.97 -4.68
C GLN A 52 4.00 -0.32 -5.63
N TYR A 53 2.98 -1.03 -6.00
CA TYR A 53 1.95 -0.45 -6.92
C TYR A 53 1.37 0.82 -6.31
N MET A 54 0.57 0.69 -5.28
CA MET A 54 -0.03 1.90 -4.66
C MET A 54 1.04 2.99 -4.45
N ARG A 55 2.09 2.68 -3.73
CA ARG A 55 3.14 3.69 -3.49
C ARG A 55 3.45 4.44 -4.79
N ARG A 56 3.92 3.75 -5.80
CA ARG A 56 4.23 4.43 -7.09
C ARG A 56 3.02 5.24 -7.55
N LYS A 57 1.83 4.78 -7.24
CA LYS A 57 0.61 5.52 -7.66
C LYS A 57 0.41 6.75 -6.75
N VAL A 58 0.33 6.55 -5.47
CA VAL A 58 0.14 7.70 -4.54
C VAL A 58 1.08 8.85 -4.93
N HIS A 59 2.32 8.54 -5.18
CA HIS A 59 3.29 9.61 -5.58
C HIS A 59 2.82 10.29 -6.87
N THR A 60 2.61 9.52 -7.90
CA THR A 60 2.16 10.13 -9.20
C THR A 60 0.79 10.77 -9.02
N LEU A 61 -0.10 10.12 -8.32
CA LEU A 61 -1.46 10.70 -8.11
C LEU A 61 -1.35 12.04 -7.36
N GLN A 62 -0.83 12.03 -6.17
CA GLN A 62 -0.71 13.28 -5.39
C GLN A 62 -0.23 14.42 -6.29
N GLN A 63 0.96 14.31 -6.83
CA GLN A 63 1.49 15.38 -7.72
C GLN A 63 0.38 15.86 -8.67
N ASP A 64 -0.45 14.97 -9.12
CA ASP A 64 -1.55 15.36 -10.06
C ASP A 64 -2.63 16.13 -9.30
N ILE A 65 -2.71 15.93 -8.01
CA ILE A 65 -3.76 16.64 -7.21
C ILE A 65 -3.23 18.01 -6.79
N ASP A 66 -1.96 18.09 -6.49
CA ASP A 66 -1.38 19.40 -6.07
C ASP A 66 -1.44 20.40 -7.24
N ASP A 67 -1.00 19.99 -8.39
CA ASP A 67 -1.04 20.90 -9.57
C ASP A 67 -2.50 21.21 -9.93
N LEU A 68 -3.33 20.21 -10.02
CA LEU A 68 -4.76 20.45 -10.36
C LEU A 68 -5.41 21.32 -9.28
N LYS A 69 -5.09 21.08 -8.04
CA LYS A 69 -5.70 21.90 -6.95
C LYS A 69 -5.32 23.36 -7.12
N ARG A 70 -4.06 23.65 -7.34
CA ARG A 70 -3.63 25.06 -7.52
C ARG A 70 -4.30 25.66 -8.75
N GLN A 71 -4.50 24.87 -9.78
CA GLN A 71 -5.16 25.40 -11.01
C GLN A 71 -6.57 25.90 -10.68
N ASN A 72 -7.52 25.01 -10.59
CA ASN A 72 -8.91 25.43 -10.28
C ASN A 72 -8.90 26.56 -9.23
N ALA A 73 -7.90 26.60 -8.40
CA ALA A 73 -7.83 27.68 -7.37
C ALA A 73 -7.73 29.03 -8.09
N LEU A 74 -6.63 29.27 -8.76
CA LEU A 74 -6.47 30.55 -9.50
C LEU A 74 -7.39 30.53 -10.73
N LEU A 75 -7.74 29.36 -11.20
CA LEU A 75 -8.63 29.26 -12.38
C LEU A 75 -10.01 29.82 -12.04
N GLU A 76 -10.55 29.42 -10.91
CA GLU A 76 -11.89 29.94 -10.51
C GLU A 76 -11.78 31.41 -10.12
N GLN A 77 -10.67 31.81 -9.55
CA GLN A 77 -10.51 33.24 -9.16
C GLN A 77 -10.54 34.13 -10.42
N GLN A 78 -10.45 33.52 -11.57
CA GLN A 78 -10.48 34.31 -12.82
C GLN A 78 -11.81 34.02 -13.53
N VAL A 79 -12.20 32.78 -13.51
CA VAL A 79 -13.49 32.41 -14.14
C VAL A 79 -14.62 33.17 -13.43
N ARG A 80 -14.34 33.71 -12.28
CA ARG A 80 -15.38 34.49 -11.53
C ARG A 80 -14.99 35.96 -11.48
N ALA A 81 -13.75 36.25 -11.18
CA ALA A 81 -13.32 37.68 -11.11
C ALA A 81 -13.82 38.43 -12.35
N LEU A 82 -14.04 37.73 -13.43
CA LEU A 82 -14.52 38.40 -14.67
C LEU A 82 -15.92 37.90 -15.04
N GLU A 83 -16.13 36.61 -14.98
CA GLU A 83 -17.48 36.07 -15.32
C GLU A 83 -18.45 36.31 -14.16
N GLY A 84 -18.57 37.54 -13.73
CA GLY A 84 -19.50 37.84 -12.60
C GLY A 84 -20.27 39.13 -12.92
N SER A 85 -19.58 40.17 -13.30
CA SER A 85 -20.26 41.45 -13.64
C SER A 85 -20.48 41.55 -15.14
N GLY A 86 -19.81 40.74 -15.91
CA GLY A 86 -19.97 40.80 -17.39
C GLY A 86 -18.96 41.79 -17.98
N CYS A 87 -17.71 41.64 -17.67
CA CYS A 87 -16.68 42.57 -18.21
C CYS A 87 -17.09 44.02 -17.95
N MET B 1 26.34 -41.59 0.69
CA MET B 1 25.27 -42.28 1.47
C MET B 1 24.74 -41.35 2.56
N ALA B 2 25.52 -41.11 3.58
CA ALA B 2 25.06 -40.20 4.68
C ALA B 2 26.10 -39.13 4.96
N ASP B 3 25.99 -38.45 6.07
CA ASP B 3 26.98 -37.39 6.42
C ASP B 3 26.87 -36.23 5.41
N LYS B 4 25.82 -36.20 4.63
CA LYS B 4 25.65 -35.11 3.65
C LYS B 4 26.99 -34.80 2.95
N ARG B 5 27.35 -35.61 2.00
CA ARG B 5 28.65 -35.38 1.29
C ARG B 5 28.61 -34.04 0.54
N ALA B 6 28.89 -32.96 1.21
CA ALA B 6 28.87 -31.63 0.54
C ALA B 6 27.66 -31.53 -0.41
N HIS B 7 27.83 -30.91 -1.54
CA HIS B 7 26.70 -30.78 -2.50
C HIS B 7 25.50 -30.11 -1.84
N HIS B 8 24.52 -29.73 -2.60
CA HIS B 8 23.32 -29.06 -2.01
C HIS B 8 22.07 -29.43 -2.81
N ASN B 9 20.98 -29.70 -2.15
CA ASN B 9 19.73 -30.06 -2.87
C ASN B 9 18.50 -29.65 -2.04
N ALA B 10 17.42 -29.32 -2.69
CA ALA B 10 16.20 -28.92 -1.95
C ALA B 10 15.08 -29.94 -2.17
N LEU B 11 15.11 -31.03 -1.45
CA LEU B 11 14.05 -32.07 -1.62
C LEU B 11 12.92 -31.84 -0.61
N GLU B 12 12.80 -30.65 -0.09
CA GLU B 12 11.72 -30.37 0.89
C GLU B 12 11.25 -28.92 0.76
N ARG B 13 10.46 -28.63 -0.24
CA ARG B 13 9.96 -27.24 -0.43
C ARG B 13 9.46 -26.67 0.90
N LYS B 14 8.36 -27.19 1.41
CA LYS B 14 7.82 -26.68 2.70
C LYS B 14 7.39 -25.22 2.57
N ARG B 15 7.45 -24.48 3.64
CA ARG B 15 7.02 -23.04 3.58
C ARG B 15 8.18 -22.14 4.04
N ARG B 16 9.23 -22.73 4.53
CA ARG B 16 10.40 -21.92 5.01
C ARG B 16 10.81 -20.89 3.96
N ASP B 17 10.71 -21.22 2.71
CA ASP B 17 11.12 -20.25 1.65
C ASP B 17 9.91 -19.47 1.11
N HIS B 18 8.73 -19.82 1.54
CA HIS B 18 7.52 -19.10 1.04
C HIS B 18 7.54 -17.63 1.45
N ILE B 19 7.10 -17.30 2.64
CA ILE B 19 7.10 -15.85 3.04
C ILE B 19 8.51 -15.28 3.01
N LYS B 20 9.46 -15.92 3.64
CA LYS B 20 10.87 -15.39 3.62
C LYS B 20 11.16 -14.75 2.26
N ASP B 21 11.18 -15.52 1.21
CA ASP B 21 11.44 -14.93 -0.13
C ASP B 21 10.57 -13.68 -0.26
N SER B 22 9.32 -13.79 0.12
CA SER B 22 8.42 -12.61 0.07
C SER B 22 8.96 -11.53 1.02
N PHE B 23 9.26 -11.90 2.24
CA PHE B 23 9.81 -10.92 3.21
C PHE B 23 10.94 -10.14 2.54
N HIS B 24 12.00 -10.84 2.19
CA HIS B 24 13.15 -10.14 1.52
C HIS B 24 12.62 -9.15 0.48
N SER B 25 11.77 -9.60 -0.41
CA SER B 25 11.21 -8.68 -1.43
C SER B 25 10.29 -7.67 -0.74
N LEU B 26 9.68 -8.08 0.34
CA LEU B 26 8.77 -7.17 1.08
C LEU B 26 9.57 -6.08 1.78
N ARG B 27 10.64 -6.44 2.43
CA ARG B 27 11.47 -5.41 3.11
C ARG B 27 11.93 -4.41 2.05
N ASP B 28 12.03 -4.86 0.83
CA ASP B 28 12.46 -3.95 -0.28
C ASP B 28 11.34 -2.96 -0.60
N SER B 29 10.12 -3.31 -0.33
CA SER B 29 9.00 -2.38 -0.61
C SER B 29 9.07 -1.23 0.40
N VAL B 30 9.48 -1.54 1.59
CA VAL B 30 9.59 -0.50 2.64
C VAL B 30 11.07 -0.24 2.93
N PRO B 31 11.64 0.67 2.19
CA PRO B 31 13.07 0.99 2.35
C PRO B 31 13.33 1.71 3.68
N SER B 32 14.58 1.85 4.04
CA SER B 32 14.93 2.52 5.33
C SER B 32 14.42 1.70 6.51
N LEU B 33 13.91 0.51 6.27
CA LEU B 33 13.42 -0.33 7.39
C LEU B 33 14.56 -1.17 7.95
N GLN B 34 14.97 -2.19 7.24
CA GLN B 34 16.09 -3.05 7.72
C GLN B 34 15.85 -3.47 9.17
N GLY B 35 16.31 -2.68 10.11
CA GLY B 35 16.12 -3.05 11.54
C GLY B 35 15.38 -1.93 12.27
N GLU B 36 14.34 -1.40 11.68
CA GLU B 36 13.58 -0.30 12.35
C GLU B 36 12.85 -0.85 13.58
N LYS B 37 11.64 -0.43 13.81
CA LYS B 37 10.88 -0.93 14.99
C LYS B 37 10.24 -2.29 14.66
N ALA B 38 9.99 -2.55 13.40
CA ALA B 38 9.37 -3.85 13.03
C ALA B 38 10.34 -5.00 13.34
N SER B 39 9.84 -6.20 13.46
CA SER B 39 10.74 -7.36 13.77
C SER B 39 10.25 -8.63 13.06
N ARG B 40 11.00 -9.69 13.16
CA ARG B 40 10.59 -10.96 12.47
C ARG B 40 10.47 -10.68 10.97
N ALA B 41 9.29 -10.69 10.41
CA ALA B 41 9.17 -10.39 8.96
C ALA B 41 9.36 -8.90 8.79
N GLN B 42 9.03 -8.16 9.82
CA GLN B 42 9.18 -6.69 9.78
C GLN B 42 8.24 -6.03 8.75
N ILE B 43 8.12 -6.58 7.57
CA ILE B 43 7.23 -5.94 6.59
C ILE B 43 5.78 -6.14 6.99
N LEU B 44 5.37 -7.36 7.29
CA LEU B 44 3.95 -7.59 7.71
C LEU B 44 3.44 -6.40 8.51
N ASP B 45 4.25 -5.92 9.42
CA ASP B 45 3.86 -4.74 10.22
C ASP B 45 3.66 -3.56 9.28
N LYS B 46 4.62 -3.28 8.45
CA LYS B 46 4.48 -2.14 7.48
C LYS B 46 3.64 -2.58 6.27
N ALA B 47 4.03 -3.67 5.65
CA ALA B 47 3.28 -4.18 4.45
C ALA B 47 1.78 -3.87 4.55
N THR B 48 1.15 -4.27 5.61
CA THR B 48 -0.32 -3.99 5.73
C THR B 48 -0.54 -2.54 6.20
N GLU B 49 0.07 -2.13 7.28
CA GLU B 49 -0.15 -0.72 7.74
C GLU B 49 -0.04 0.21 6.54
N TYR B 50 0.74 -0.16 5.56
CA TYR B 50 0.89 0.68 4.34
C TYR B 50 -0.39 0.56 3.51
N ILE B 51 -0.86 -0.65 3.30
CA ILE B 51 -2.10 -0.84 2.50
C ILE B 51 -3.25 -0.04 3.14
N GLN B 52 -3.69 -0.45 4.29
CA GLN B 52 -4.81 0.28 4.97
C GLN B 52 -4.60 1.79 4.82
N TYR B 53 -3.50 2.30 5.31
CA TYR B 53 -3.26 3.77 5.21
C TYR B 53 -3.30 4.21 3.74
N MET B 54 -2.32 3.83 2.96
CA MET B 54 -2.31 4.23 1.53
C MET B 54 -3.68 3.98 0.90
N ARG B 55 -4.15 2.76 0.95
CA ARG B 55 -5.48 2.45 0.34
C ARG B 55 -6.49 3.55 0.71
N ARG B 56 -6.76 3.72 1.96
CA ARG B 56 -7.73 4.77 2.38
C ARG B 56 -7.33 6.12 1.76
N LYS B 57 -6.05 6.34 1.58
CA LYS B 57 -5.59 7.62 0.98
C LYS B 57 -5.85 7.61 -0.52
N VAL B 58 -5.31 6.64 -1.23
CA VAL B 58 -5.53 6.58 -2.70
C VAL B 58 -7.00 6.85 -3.03
N HIS B 59 -7.89 6.22 -2.32
CA HIS B 59 -9.34 6.44 -2.58
C HIS B 59 -9.69 7.92 -2.38
N THR B 60 -9.40 8.45 -1.22
CA THR B 60 -9.72 9.88 -0.96
C THR B 60 -8.92 10.79 -1.90
N LEU B 61 -7.67 10.48 -2.11
CA LEU B 61 -6.84 11.32 -3.03
C LEU B 61 -7.43 11.30 -4.44
N GLN B 62 -7.51 10.15 -5.05
CA GLN B 62 -8.07 10.06 -6.43
C GLN B 62 -9.31 10.95 -6.55
N GLN B 63 -10.35 10.65 -5.81
CA GLN B 63 -11.58 11.48 -5.88
C GLN B 63 -11.23 12.96 -5.92
N ASP B 64 -10.21 13.35 -5.20
CA ASP B 64 -9.81 14.80 -5.19
C ASP B 64 -9.13 15.16 -6.51
N ILE B 65 -8.61 14.20 -7.20
CA ILE B 65 -7.94 14.49 -8.51
C ILE B 65 -8.98 14.50 -9.63
N ASP B 66 -9.95 13.63 -9.55
CA ASP B 66 -11.00 13.58 -10.61
C ASP B 66 -11.81 14.88 -10.60
N ASP B 67 -12.25 15.30 -9.44
CA ASP B 67 -13.04 16.57 -9.37
C ASP B 67 -12.14 17.75 -9.76
N LEU B 68 -10.97 17.82 -9.20
CA LEU B 68 -10.06 18.95 -9.53
C LEU B 68 -9.70 18.90 -11.02
N LYS B 69 -9.48 17.73 -11.55
CA LYS B 69 -9.13 17.63 -13.00
C LYS B 69 -10.27 18.18 -13.86
N ARG B 70 -11.49 17.78 -13.58
CA ARG B 70 -12.63 18.29 -14.38
C ARG B 70 -12.76 19.80 -14.21
N GLN B 71 -12.46 20.30 -13.04
CA GLN B 71 -12.57 21.78 -12.81
C GLN B 71 -11.61 22.53 -13.75
N ASN B 72 -10.36 22.59 -13.42
CA ASN B 72 -9.38 23.30 -14.30
C ASN B 72 -9.71 23.03 -15.78
N ALA B 73 -10.29 21.91 -16.07
CA ALA B 73 -10.65 21.61 -17.49
C ALA B 73 -11.65 22.65 -17.98
N LEU B 74 -12.83 22.64 -17.43
CA LEU B 74 -13.85 23.64 -17.85
C LEU B 74 -13.46 25.01 -17.30
N LEU B 75 -12.68 25.03 -16.24
CA LEU B 75 -12.24 26.33 -15.65
C LEU B 75 -11.34 27.06 -16.65
N GLU B 76 -10.40 26.37 -17.22
CA GLU B 76 -9.49 27.02 -18.20
C GLU B 76 -10.25 27.34 -19.49
N GLN B 77 -11.19 26.50 -19.86
CA GLN B 77 -11.98 26.75 -21.09
C GLN B 77 -12.77 28.05 -20.94
N GLN B 78 -12.84 28.57 -19.75
CA GLN B 78 -13.59 29.84 -19.53
C GLN B 78 -12.58 30.94 -19.22
N VAL B 79 -11.59 30.61 -18.44
CA VAL B 79 -10.52 31.59 -18.12
C VAL B 79 -9.85 32.02 -19.42
N ARG B 80 -10.04 31.27 -20.47
CA ARG B 80 -9.42 31.63 -21.77
C ARG B 80 -10.51 32.03 -22.78
N ALA B 81 -11.57 31.26 -22.86
CA ALA B 81 -12.65 31.61 -23.82
C ALA B 81 -13.01 33.10 -23.70
N LEU B 82 -12.75 33.68 -22.56
CA LEU B 82 -13.07 35.14 -22.39
C LEU B 82 -11.78 35.93 -22.16
N GLU B 83 -10.91 35.45 -21.32
CA GLU B 83 -9.64 36.19 -21.07
C GLU B 83 -8.68 35.99 -22.25
N GLY B 84 -9.11 36.26 -23.44
CA GLY B 84 -8.23 36.10 -24.63
C GLY B 84 -8.39 37.29 -25.56
N SER B 85 -9.60 37.65 -25.88
CA SER B 85 -9.83 38.82 -26.79
C SER B 85 -10.14 40.06 -25.96
N GLY B 86 -10.45 39.89 -24.70
CA GLY B 86 -10.76 41.08 -23.85
C GLY B 86 -12.26 41.39 -23.92
N CYS B 87 -13.09 40.42 -23.68
CA CYS B 87 -14.56 40.66 -23.74
C CYS B 87 -14.94 41.32 -25.06
N MET A 1 4.56 -31.56 41.49
CA MET A 1 4.24 -31.57 40.04
C MET A 1 3.29 -32.74 39.71
N ALA A 2 2.56 -32.63 38.64
CA ALA A 2 1.62 -33.74 38.27
C ALA A 2 1.18 -33.59 36.82
N ASP A 3 0.23 -34.37 36.39
CA ASP A 3 -0.24 -34.28 34.98
C ASP A 3 -0.38 -32.81 34.56
N LYS A 4 0.13 -32.46 33.41
CA LYS A 4 0.03 -31.05 32.95
C LYS A 4 -1.23 -30.83 32.11
N ARG A 5 -1.56 -29.61 31.82
CA ARG A 5 -2.78 -29.34 31.00
C ARG A 5 -2.91 -27.84 30.72
N ALA A 6 -3.26 -27.07 31.72
CA ALA A 6 -3.40 -25.60 31.51
C ALA A 6 -4.12 -25.31 30.20
N HIS A 7 -3.78 -24.23 29.54
CA HIS A 7 -4.45 -23.90 28.25
C HIS A 7 -3.43 -23.96 27.10
N HIS A 8 -2.88 -25.11 26.83
CA HIS A 8 -1.89 -25.22 25.73
C HIS A 8 -2.60 -25.10 24.38
N ASN A 9 -2.68 -23.91 23.84
CA ASN A 9 -3.36 -23.74 22.53
C ASN A 9 -2.46 -22.96 21.56
N ALA A 10 -1.91 -21.87 22.00
CA ALA A 10 -1.02 -21.06 21.10
C ALA A 10 -0.59 -19.77 21.81
N LEU A 11 0.02 -19.88 22.96
CA LEU A 11 0.46 -18.67 23.69
C LEU A 11 1.47 -17.88 22.84
N GLU A 12 2.72 -18.23 22.92
CA GLU A 12 3.75 -17.51 22.12
C GLU A 12 5.14 -18.04 22.46
N ARG A 13 5.40 -18.28 23.71
CA ARG A 13 6.75 -18.80 24.11
C ARG A 13 7.84 -18.02 23.36
N LYS A 14 8.31 -18.55 22.26
CA LYS A 14 9.37 -17.82 21.49
C LYS A 14 8.75 -17.06 20.33
N ARG A 15 8.65 -17.67 19.18
CA ARG A 15 8.06 -16.98 18.00
C ARG A 15 7.46 -18.01 17.04
N ARG A 16 6.58 -18.85 17.53
CA ARG A 16 5.97 -19.89 16.64
C ARG A 16 4.73 -19.33 15.95
N ASP A 17 3.78 -18.84 16.70
CA ASP A 17 2.54 -18.29 16.08
C ASP A 17 2.67 -16.78 15.88
N HIS A 18 3.82 -16.23 16.14
CA HIS A 18 4.00 -14.76 15.96
C HIS A 18 3.64 -14.36 14.53
N ILE A 19 4.39 -14.83 13.57
CA ILE A 19 4.10 -14.49 12.16
C ILE A 19 2.61 -14.67 11.87
N LYS A 20 2.18 -15.90 11.69
CA LYS A 20 0.74 -16.19 11.41
C LYS A 20 -0.17 -15.14 12.06
N ASP A 21 0.14 -14.72 13.25
CA ASP A 21 -0.70 -13.66 13.88
C ASP A 21 -0.72 -12.45 12.97
N SER A 22 0.42 -11.84 12.76
CA SER A 22 0.46 -10.68 11.84
C SER A 22 -0.10 -11.10 10.49
N PHE A 23 0.28 -12.25 10.02
CA PHE A 23 -0.26 -12.77 8.73
C PHE A 23 -1.77 -12.55 8.73
N HIS A 24 -2.45 -13.16 9.67
CA HIS A 24 -3.92 -13.01 9.75
C HIS A 24 -4.30 -11.55 9.47
N SER A 25 -3.50 -10.63 9.93
CA SER A 25 -3.81 -9.19 9.69
C SER A 25 -3.79 -8.89 8.19
N LEU A 26 -2.86 -9.43 7.47
CA LEU A 26 -2.80 -9.17 5.99
C LEU A 26 -3.89 -9.99 5.30
N ARG A 27 -4.07 -11.20 5.71
CA ARG A 27 -5.13 -12.05 5.07
C ARG A 27 -6.42 -11.26 4.94
N ASP A 28 -6.82 -10.57 5.97
CA ASP A 28 -8.07 -9.77 5.91
C ASP A 28 -7.72 -8.31 5.57
N SER A 29 -6.52 -8.08 5.10
CA SER A 29 -6.11 -6.71 4.75
C SER A 29 -6.43 -6.44 3.28
N VAL A 30 -5.98 -7.28 2.39
CA VAL A 30 -6.27 -7.05 0.96
C VAL A 30 -7.27 -8.08 0.46
N PRO A 31 -8.53 -7.79 0.61
CA PRO A 31 -9.61 -8.69 0.16
C PRO A 31 -9.53 -8.83 -1.36
N SER A 32 -8.79 -7.98 -2.00
CA SER A 32 -8.64 -8.06 -3.47
C SER A 32 -7.38 -8.86 -3.78
N LEU A 33 -6.98 -9.72 -2.87
CA LEU A 33 -5.76 -10.56 -3.10
C LEU A 33 -5.82 -11.14 -4.50
N GLN A 34 -7.01 -11.26 -5.03
CA GLN A 34 -7.22 -11.87 -6.38
C GLN A 34 -7.13 -13.38 -6.21
N GLY A 35 -8.13 -13.95 -5.60
CA GLY A 35 -8.12 -15.41 -5.32
C GLY A 35 -7.94 -15.58 -3.82
N GLU A 36 -7.38 -14.58 -3.18
CA GLU A 36 -7.16 -14.62 -1.71
C GLU A 36 -6.83 -16.03 -1.24
N LYS A 37 -6.12 -16.77 -2.03
CA LYS A 37 -5.72 -18.15 -1.62
C LYS A 37 -4.38 -18.08 -0.89
N ALA A 38 -4.01 -16.92 -0.40
CA ALA A 38 -2.71 -16.77 0.30
C ALA A 38 -2.56 -17.79 1.42
N SER A 39 -1.60 -18.67 1.30
CA SER A 39 -1.37 -19.68 2.38
C SER A 39 -0.73 -19.00 3.58
N ARG A 40 0.56 -18.87 3.56
CA ARG A 40 1.26 -18.19 4.70
C ARG A 40 2.16 -17.10 4.13
N ALA A 41 3.06 -17.47 3.26
CA ALA A 41 3.99 -16.48 2.64
C ALA A 41 3.26 -15.71 1.53
N GLN A 42 2.35 -16.36 0.85
CA GLN A 42 1.61 -15.68 -0.24
C GLN A 42 0.91 -14.44 0.30
N ILE A 43 0.64 -14.41 1.58
CA ILE A 43 -0.03 -13.21 2.15
C ILE A 43 0.92 -12.03 1.98
N LEU A 44 2.18 -12.33 1.95
CA LEU A 44 3.21 -11.27 1.77
C LEU A 44 3.45 -11.02 0.29
N ASP A 45 3.59 -12.06 -0.49
CA ASP A 45 3.81 -11.86 -1.96
C ASP A 45 2.87 -10.76 -2.46
N LYS A 46 1.62 -10.82 -2.10
CA LYS A 46 0.68 -9.76 -2.53
C LYS A 46 0.88 -8.53 -1.64
N ALA A 47 0.75 -8.70 -0.34
CA ALA A 47 0.96 -7.56 0.61
C ALA A 47 2.09 -6.63 0.09
N THR A 48 3.18 -7.19 -0.35
CA THR A 48 4.30 -6.35 -0.86
C THR A 48 3.93 -5.73 -2.20
N GLU A 49 3.48 -6.53 -3.12
CA GLU A 49 3.11 -5.98 -4.46
C GLU A 49 2.17 -4.78 -4.30
N TYR A 50 1.38 -4.78 -3.25
CA TYR A 50 0.43 -3.64 -3.03
C TYR A 50 1.19 -2.41 -2.54
N ILE A 51 2.09 -2.57 -1.60
CA ILE A 51 2.84 -1.40 -1.08
C ILE A 51 3.66 -0.75 -2.19
N GLN A 52 4.75 -1.35 -2.56
CA GLN A 52 5.61 -0.77 -3.63
C GLN A 52 4.73 -0.26 -4.79
N TYR A 53 3.65 -0.94 -5.07
CA TYR A 53 2.76 -0.49 -6.17
C TYR A 53 2.04 0.79 -5.77
N MET A 54 1.50 0.84 -4.58
CA MET A 54 0.77 2.07 -4.13
C MET A 54 1.76 3.22 -3.97
N ARG A 55 2.80 3.03 -3.21
CA ARG A 55 3.79 4.13 -3.02
C ARG A 55 4.13 4.76 -4.37
N ARG A 56 4.35 3.96 -5.37
CA ARG A 56 4.69 4.52 -6.72
C ARG A 56 3.47 5.23 -7.31
N LYS A 57 2.36 4.55 -7.42
CA LYS A 57 1.14 5.19 -7.98
C LYS A 57 0.76 6.42 -7.15
N VAL A 58 0.77 6.29 -5.85
CA VAL A 58 0.41 7.44 -4.99
C VAL A 58 1.27 8.65 -5.34
N HIS A 59 2.56 8.49 -5.38
CA HIS A 59 3.45 9.62 -5.73
C HIS A 59 3.00 10.26 -7.05
N THR A 60 2.84 9.45 -8.06
CA THR A 60 2.40 10.00 -9.38
C THR A 60 1.00 10.62 -9.25
N LEU A 61 0.07 9.91 -8.66
CA LEU A 61 -1.30 10.46 -8.49
C LEU A 61 -1.23 11.79 -7.73
N GLN A 62 -0.72 11.77 -6.54
CA GLN A 62 -0.62 13.03 -5.76
C GLN A 62 -0.11 14.17 -6.65
N GLN A 63 1.04 14.01 -7.22
CA GLN A 63 1.59 15.07 -8.11
C GLN A 63 0.49 15.56 -9.06
N ASP A 64 -0.40 14.70 -9.45
CA ASP A 64 -1.49 15.11 -10.37
C ASP A 64 -2.56 15.89 -9.58
N ILE A 65 -2.60 15.70 -8.29
CA ILE A 65 -3.60 16.43 -7.46
C ILE A 65 -3.08 17.85 -7.18
N ASP A 66 -1.86 17.96 -6.76
CA ASP A 66 -1.29 19.30 -6.47
C ASP A 66 -1.27 20.14 -7.76
N ASP A 67 -0.92 19.52 -8.86
CA ASP A 67 -0.89 20.26 -10.15
C ASP A 67 -2.29 20.81 -10.47
N LEU A 68 -3.28 19.96 -10.45
CA LEU A 68 -4.66 20.43 -10.73
C LEU A 68 -5.07 21.49 -9.70
N LYS A 69 -4.77 21.25 -8.45
CA LYS A 69 -5.14 22.23 -7.39
C LYS A 69 -4.75 23.65 -7.85
N ARG A 70 -3.53 23.82 -8.28
CA ARG A 70 -3.08 25.15 -8.74
C ARG A 70 -3.95 25.64 -9.91
N GLN A 71 -4.30 24.75 -10.80
CA GLN A 71 -5.13 25.16 -11.96
C GLN A 71 -6.43 25.82 -11.50
N ASN A 72 -7.41 25.04 -11.14
CA ASN A 72 -8.72 25.62 -10.67
C ASN A 72 -8.49 26.90 -9.86
N ALA A 73 -7.38 26.99 -9.17
CA ALA A 73 -7.10 28.21 -8.37
C ALA A 73 -6.69 29.37 -9.29
N LEU A 74 -5.94 29.07 -10.32
CA LEU A 74 -5.49 30.14 -11.25
C LEU A 74 -6.60 30.51 -12.24
N LEU A 75 -7.34 29.55 -12.72
CA LEU A 75 -8.43 29.89 -13.69
C LEU A 75 -9.48 30.78 -13.01
N GLU A 76 -9.82 30.46 -11.78
CA GLU A 76 -10.83 31.29 -11.07
C GLU A 76 -10.27 32.70 -10.80
N GLN A 77 -9.01 32.79 -10.47
CA GLN A 77 -8.41 34.13 -10.21
C GLN A 77 -8.29 34.93 -11.52
N GLN A 78 -8.65 34.34 -12.62
CA GLN A 78 -8.58 35.05 -13.91
C GLN A 78 -9.98 35.49 -14.29
N VAL A 79 -10.91 34.58 -14.19
CA VAL A 79 -12.32 34.91 -14.47
C VAL A 79 -12.70 36.18 -13.69
N ARG A 80 -12.10 36.38 -12.56
CA ARG A 80 -12.40 37.59 -11.75
C ARG A 80 -11.31 38.65 -11.99
N ALA A 81 -10.20 38.26 -12.56
CA ALA A 81 -9.12 39.24 -12.82
C ALA A 81 -9.55 40.25 -13.89
N LEU A 82 -9.80 39.79 -15.09
CA LEU A 82 -10.22 40.74 -16.16
C LEU A 82 -11.32 41.68 -15.64
N GLU A 83 -12.55 41.34 -15.83
CA GLU A 83 -13.65 42.22 -15.34
C GLU A 83 -13.85 42.02 -13.83
N GLY A 84 -14.80 42.72 -13.26
CA GLY A 84 -15.05 42.57 -11.80
C GLY A 84 -15.70 41.22 -11.52
N SER A 85 -16.52 40.75 -12.42
CA SER A 85 -17.20 39.44 -12.20
C SER A 85 -17.59 38.81 -13.54
N GLY A 86 -16.71 38.06 -14.14
CA GLY A 86 -17.03 37.41 -15.45
C GLY A 86 -17.78 38.40 -16.34
N CYS A 87 -17.07 39.15 -17.13
CA CYS A 87 -17.75 40.12 -18.03
C CYS A 87 -18.77 39.41 -18.93
N MET B 1 24.67 -46.03 -2.36
CA MET B 1 24.54 -44.80 -1.52
C MET B 1 25.83 -44.56 -0.72
N ALA B 2 26.06 -43.34 -0.30
CA ALA B 2 27.31 -43.05 0.46
C ALA B 2 27.17 -41.70 1.17
N ASP B 3 28.24 -41.21 1.75
CA ASP B 3 28.18 -39.90 2.45
C ASP B 3 27.38 -38.89 1.63
N LYS B 4 26.48 -38.18 2.24
CA LYS B 4 25.66 -37.19 1.47
C LYS B 4 26.33 -35.80 1.52
N ARG B 5 25.85 -34.88 0.73
CA ARG B 5 26.46 -33.52 0.73
C ARG B 5 25.68 -32.61 -0.22
N ALA B 6 25.82 -32.79 -1.50
CA ALA B 6 25.08 -31.94 -2.48
C ALA B 6 25.14 -30.47 -2.03
N HIS B 7 24.10 -29.72 -2.30
CA HIS B 7 24.11 -28.28 -1.90
C HIS B 7 23.01 -28.02 -0.86
N HIS B 8 23.12 -28.63 0.28
CA HIS B 8 22.09 -28.41 1.34
C HIS B 8 22.22 -27.00 1.93
N ASN B 9 21.50 -26.06 1.38
CA ASN B 9 21.59 -24.66 1.90
C ASN B 9 20.19 -24.12 2.20
N ALA B 10 19.28 -24.26 1.28
CA ALA B 10 17.89 -23.74 1.50
C ALA B 10 17.04 -23.92 0.25
N LEU B 11 16.95 -25.12 -0.25
CA LEU B 11 16.13 -25.37 -1.48
C LEU B 11 14.68 -24.96 -1.24
N GLU B 12 13.90 -25.84 -0.69
CA GLU B 12 12.46 -25.52 -0.43
C GLU B 12 11.73 -26.74 0.12
N ARG B 13 11.99 -27.88 -0.44
CA ARG B 13 11.31 -29.11 0.05
C ARG B 13 9.82 -28.84 0.26
N LYS B 14 9.42 -28.52 1.46
CA LYS B 14 7.98 -28.23 1.71
C LYS B 14 7.74 -26.72 1.73
N ARG B 15 7.83 -26.11 2.88
CA ARG B 15 7.61 -24.63 2.97
C ARG B 15 8.39 -24.06 4.16
N ARG B 16 9.66 -24.31 4.22
CA ARG B 16 10.47 -23.79 5.37
C ARG B 16 10.97 -22.37 5.07
N ASP B 17 11.66 -22.19 3.98
CA ASP B 17 12.19 -20.84 3.65
C ASP B 17 11.23 -20.11 2.72
N HIS B 18 10.08 -20.68 2.47
CA HIS B 18 9.09 -20.01 1.57
C HIS B 18 8.77 -18.62 2.10
N ILE B 19 8.16 -18.53 3.25
CA ILE B 19 7.82 -17.19 3.81
C ILE B 19 9.04 -16.28 3.73
N LYS B 20 9.99 -16.44 4.63
CA LYS B 20 11.22 -15.58 4.62
C LYS B 20 11.55 -15.10 3.20
N ASP B 21 11.41 -15.95 2.22
CA ASP B 21 11.69 -15.50 0.83
C ASP B 21 10.79 -14.29 0.52
N SER B 22 9.51 -14.49 0.52
CA SER B 22 8.58 -13.36 0.28
C SER B 22 8.90 -12.26 1.29
N PHE B 23 9.09 -12.63 2.53
CA PHE B 23 9.44 -11.64 3.57
C PHE B 23 10.52 -10.72 3.01
N HIS B 24 11.65 -11.29 2.68
CA HIS B 24 12.77 -10.50 2.11
C HIS B 24 12.22 -9.46 1.13
N SER B 25 11.21 -9.82 0.39
CA SER B 25 10.61 -8.86 -0.59
C SER B 25 10.03 -7.65 0.16
N LEU B 26 9.37 -7.87 1.26
CA LEU B 26 8.79 -6.72 2.02
C LEU B 26 9.89 -5.98 2.76
N ARG B 27 10.81 -6.70 3.34
CA ARG B 27 11.93 -6.05 4.07
C ARG B 27 12.50 -4.90 3.23
N ASP B 28 12.73 -5.14 1.97
CA ASP B 28 13.28 -4.07 1.09
C ASP B 28 12.12 -3.39 0.35
N SER B 29 10.92 -3.60 0.80
CA SER B 29 9.76 -2.96 0.13
C SER B 29 9.46 -1.62 0.78
N VAL B 30 9.33 -1.59 2.08
CA VAL B 30 9.04 -0.30 2.76
C VAL B 30 10.25 0.16 3.56
N PRO B 31 11.13 0.86 2.89
CA PRO B 31 12.35 1.37 3.56
C PRO B 31 11.95 2.36 4.64
N SER B 32 10.72 2.79 4.63
CA SER B 32 10.24 3.73 5.66
C SER B 32 9.59 2.93 6.79
N LEU B 33 9.99 1.69 6.94
CA LEU B 33 9.40 0.85 8.01
C LEU B 33 9.38 1.64 9.31
N GLN B 34 10.25 2.60 9.41
CA GLN B 34 10.36 3.41 10.66
C GLN B 34 11.15 2.60 11.67
N GLY B 35 12.42 2.45 11.42
CA GLY B 35 13.29 1.61 12.30
C GLY B 35 13.64 0.35 11.52
N GLU B 36 12.83 0.03 10.53
CA GLU B 36 13.08 -1.17 9.68
C GLU B 36 13.70 -2.31 10.49
N LYS B 37 13.31 -2.44 11.74
CA LYS B 37 13.86 -3.55 12.57
C LYS B 37 12.95 -4.77 12.42
N ALA B 38 12.16 -4.80 11.37
CA ALA B 38 11.24 -5.95 11.17
C ALA B 38 11.97 -7.29 11.24
N SER B 39 11.64 -8.11 12.20
CA SER B 39 12.29 -9.45 12.32
C SER B 39 11.75 -10.37 11.24
N ARG B 40 10.64 -11.00 11.49
CA ARG B 40 10.04 -11.89 10.47
C ARG B 40 8.57 -11.50 10.29
N ALA B 41 7.81 -11.52 11.35
CA ALA B 41 6.38 -11.13 11.28
C ALA B 41 6.24 -9.61 11.23
N GLN B 42 7.13 -8.91 11.90
CA GLN B 42 7.05 -7.42 11.89
C GLN B 42 7.10 -6.90 10.45
N ILE B 43 7.64 -7.66 9.55
CA ILE B 43 7.69 -7.20 8.13
C ILE B 43 6.25 -7.06 7.66
N LEU B 44 5.40 -7.86 8.22
CA LEU B 44 3.96 -7.84 7.85
C LEU B 44 3.22 -6.78 8.67
N ASP B 45 3.47 -6.73 9.95
CA ASP B 45 2.78 -5.72 10.81
C ASP B 45 2.79 -4.37 10.07
N LYS B 46 3.92 -3.99 9.56
CA LYS B 46 4.00 -2.71 8.82
C LYS B 46 3.41 -2.92 7.41
N ALA B 47 3.95 -3.87 6.67
CA ALA B 47 3.43 -4.14 5.30
C ALA B 47 1.91 -3.98 5.26
N THR B 48 1.21 -4.51 6.24
CA THR B 48 -0.27 -4.39 6.25
C THR B 48 -0.69 -2.95 6.56
N GLU B 49 -0.15 -2.39 7.60
CA GLU B 49 -0.52 -0.99 7.95
C GLU B 49 -0.36 -0.08 6.74
N TYR B 50 0.55 -0.40 5.85
CA TYR B 50 0.76 0.44 4.64
C TYR B 50 -0.38 0.21 3.63
N ILE B 51 -0.74 -1.03 3.40
CA ILE B 51 -1.83 -1.30 2.41
C ILE B 51 -3.14 -0.67 2.88
N GLN B 52 -3.79 -1.25 3.85
CA GLN B 52 -5.08 -0.67 4.33
C GLN B 52 -4.97 0.85 4.46
N TYR B 53 -3.82 1.33 4.84
CA TYR B 53 -3.65 2.81 4.98
C TYR B 53 -3.65 3.48 3.61
N MET B 54 -2.92 2.92 2.67
CA MET B 54 -2.88 3.52 1.30
C MET B 54 -4.24 3.37 0.62
N ARG B 55 -4.76 2.18 0.56
CA ARG B 55 -6.09 1.98 -0.09
C ARG B 55 -7.07 3.04 0.40
N ARG B 56 -7.09 3.31 1.68
CA ARG B 56 -8.03 4.34 2.21
C ARG B 56 -7.60 5.72 1.75
N LYS B 57 -6.39 6.11 2.02
CA LYS B 57 -5.91 7.45 1.59
C LYS B 57 -6.03 7.60 0.07
N VAL B 58 -5.62 6.59 -0.66
CA VAL B 58 -5.71 6.66 -2.15
C VAL B 58 -7.15 6.98 -2.56
N HIS B 59 -8.10 6.24 -2.07
CA HIS B 59 -9.52 6.50 -2.44
C HIS B 59 -9.86 7.97 -2.17
N THR B 60 -9.57 8.45 -0.99
CA THR B 60 -9.87 9.87 -0.67
C THR B 60 -9.06 10.79 -1.58
N LEU B 61 -7.78 10.56 -1.68
CA LEU B 61 -6.94 11.42 -2.56
C LEU B 61 -7.50 11.42 -3.99
N GLN B 62 -7.57 10.26 -4.60
CA GLN B 62 -8.12 10.19 -5.98
C GLN B 62 -9.37 11.05 -6.10
N GLN B 63 -10.37 10.77 -5.30
CA GLN B 63 -11.62 11.58 -5.36
C GLN B 63 -11.27 13.07 -5.41
N ASP B 64 -10.20 13.46 -4.77
CA ASP B 64 -9.79 14.89 -4.79
C ASP B 64 -9.15 15.24 -6.14
N ILE B 65 -8.66 14.26 -6.83
CA ILE B 65 -8.04 14.51 -8.16
C ILE B 65 -9.12 14.64 -9.22
N ASP B 66 -10.05 13.72 -9.24
CA ASP B 66 -11.15 13.79 -10.24
C ASP B 66 -11.97 15.07 -10.02
N ASP B 67 -12.22 15.40 -8.78
CA ASP B 67 -13.00 16.64 -8.49
C ASP B 67 -12.26 17.86 -9.06
N LEU B 68 -11.01 18.02 -8.72
CA LEU B 68 -10.23 19.18 -9.26
C LEU B 68 -10.19 19.10 -10.79
N LYS B 69 -9.95 17.94 -11.33
CA LYS B 69 -9.91 17.80 -12.81
C LYS B 69 -11.10 18.53 -13.44
N ARG B 70 -12.28 18.26 -12.95
CA ARG B 70 -13.48 18.93 -13.52
C ARG B 70 -13.37 20.44 -13.35
N GLN B 71 -12.86 20.90 -12.24
CA GLN B 71 -12.74 22.36 -12.02
C GLN B 71 -11.94 23.02 -13.15
N ASN B 72 -10.63 22.95 -13.07
CA ASN B 72 -9.78 23.58 -14.14
C ASN B 72 -10.43 23.42 -15.52
N ALA B 73 -11.16 22.36 -15.72
CA ALA B 73 -11.82 22.16 -17.05
C ALA B 73 -13.02 23.10 -17.18
N LEU B 74 -13.74 23.31 -16.11
CA LEU B 74 -14.93 24.20 -16.18
C LEU B 74 -14.51 25.67 -16.12
N LEU B 75 -13.54 26.00 -15.31
CA LEU B 75 -13.12 27.43 -15.23
C LEU B 75 -12.58 27.89 -16.59
N GLU B 76 -11.81 27.07 -17.24
CA GLU B 76 -11.24 27.45 -18.57
C GLU B 76 -12.37 27.57 -19.60
N GLN B 77 -13.34 26.69 -19.53
CA GLN B 77 -14.47 26.75 -20.51
C GLN B 77 -15.35 27.97 -20.22
N GLN B 78 -15.04 28.71 -19.19
CA GLN B 78 -15.85 29.92 -18.87
C GLN B 78 -15.06 31.14 -19.32
N VAL B 79 -13.80 31.17 -18.98
CA VAL B 79 -12.93 32.28 -19.41
C VAL B 79 -13.09 32.47 -20.92
N ARG B 80 -13.38 31.41 -21.63
CA ARG B 80 -13.57 31.52 -23.11
C ARG B 80 -15.06 31.56 -23.43
N ALA B 81 -15.90 31.22 -22.48
CA ALA B 81 -17.37 31.24 -22.74
C ALA B 81 -17.85 32.68 -22.91
N LEU B 82 -17.74 33.47 -21.88
CA LEU B 82 -18.20 34.89 -21.99
C LEU B 82 -17.70 35.51 -23.30
N GLU B 83 -16.57 36.17 -23.26
CA GLU B 83 -16.04 36.79 -24.51
C GLU B 83 -15.36 35.74 -25.39
N GLY B 84 -14.83 36.12 -26.51
CA GLY B 84 -14.15 35.14 -27.39
C GLY B 84 -12.82 34.71 -26.77
N SER B 85 -12.16 35.60 -26.08
CA SER B 85 -10.86 35.23 -25.45
C SER B 85 -10.58 36.15 -24.26
N GLY B 86 -11.03 35.77 -23.09
CA GLY B 86 -10.79 36.60 -21.88
C GLY B 86 -10.96 38.09 -22.22
N CYS B 87 -12.16 38.60 -22.08
CA CYS B 87 -12.39 40.04 -22.40
C CYS B 87 -11.43 40.93 -21.58
N MET A 1 -2.04 -38.59 33.76
CA MET A 1 -2.28 -37.20 34.26
C MET A 1 -1.25 -36.85 35.34
N ALA A 2 0.00 -36.78 34.98
CA ALA A 2 1.04 -36.44 36.00
C ALA A 2 2.02 -35.41 35.42
N ASP A 3 1.51 -34.38 34.81
CA ASP A 3 2.42 -33.33 34.23
C ASP A 3 1.62 -32.07 33.91
N LYS A 4 1.28 -31.29 34.90
CA LYS A 4 0.51 -30.05 34.65
C LYS A 4 -0.84 -30.37 34.00
N ARG A 5 -1.92 -30.10 34.67
CA ARG A 5 -3.26 -30.40 34.10
C ARG A 5 -3.41 -29.71 32.73
N ALA A 6 -3.73 -28.44 32.74
CA ALA A 6 -3.90 -27.72 31.45
C ALA A 6 -4.07 -26.21 31.71
N HIS A 7 -4.20 -25.44 30.67
CA HIS A 7 -4.36 -23.97 30.85
C HIS A 7 -3.12 -23.38 31.52
N HIS A 8 -1.97 -23.55 30.92
CA HIS A 8 -0.73 -23.00 31.52
C HIS A 8 0.31 -22.74 30.43
N ASN A 9 0.13 -21.71 29.65
CA ASN A 9 1.11 -21.40 28.57
C ASN A 9 2.24 -20.53 29.12
N ALA A 10 3.22 -20.24 28.31
CA ALA A 10 4.35 -19.39 28.79
C ALA A 10 3.99 -17.91 28.65
N LEU A 11 4.66 -17.05 29.37
CA LEU A 11 4.36 -15.59 29.27
C LEU A 11 5.32 -14.91 28.29
N GLU A 12 6.40 -15.56 27.95
CA GLU A 12 7.37 -14.96 27.00
C GLU A 12 6.83 -15.03 25.57
N ARG A 13 6.67 -13.91 24.93
CA ARG A 13 6.14 -13.92 23.53
C ARG A 13 6.85 -14.99 22.71
N LYS A 14 6.24 -15.41 21.62
CA LYS A 14 6.89 -16.46 20.78
C LYS A 14 7.35 -15.87 19.44
N ARG A 15 8.39 -16.40 18.88
CA ARG A 15 8.91 -15.87 17.58
C ARG A 15 8.38 -16.72 16.41
N ARG A 16 7.88 -17.89 16.70
CA ARG A 16 7.36 -18.76 15.59
C ARG A 16 5.97 -18.28 15.18
N ASP A 17 5.08 -18.09 16.12
CA ASP A 17 3.71 -17.62 15.77
C ASP A 17 3.70 -16.09 15.66
N HIS A 18 4.86 -15.50 15.57
CA HIS A 18 4.94 -14.01 15.46
C HIS A 18 4.18 -13.52 14.23
N ILE A 19 4.64 -13.85 13.05
CA ILE A 19 3.92 -13.35 11.84
C ILE A 19 2.45 -13.79 11.92
N LYS A 20 2.17 -15.06 12.02
CA LYS A 20 0.73 -15.53 12.12
C LYS A 20 -0.13 -14.45 12.77
N ASP A 21 0.26 -13.97 13.92
CA ASP A 21 -0.51 -12.88 14.56
C ASP A 21 -0.64 -11.73 13.55
N SER A 22 0.48 -11.19 13.14
CA SER A 22 0.43 -10.09 12.13
C SER A 22 -0.31 -10.63 10.90
N PHE A 23 0.05 -11.80 10.46
CA PHE A 23 -0.64 -12.41 9.28
C PHE A 23 -2.13 -12.21 9.44
N HIS A 24 -2.69 -12.68 10.53
CA HIS A 24 -4.15 -12.50 10.75
C HIS A 24 -4.55 -11.08 10.35
N SER A 25 -3.80 -10.10 10.79
CA SER A 25 -4.13 -8.70 10.39
C SER A 25 -3.97 -8.57 8.87
N LEU A 26 -2.87 -9.03 8.35
CA LEU A 26 -2.66 -8.98 6.89
C LEU A 26 -3.85 -9.67 6.21
N ARG A 27 -4.33 -10.72 6.81
CA ARG A 27 -5.51 -11.43 6.23
C ARG A 27 -6.62 -10.40 6.04
N ASP A 28 -6.67 -9.43 6.91
CA ASP A 28 -7.71 -8.37 6.78
C ASP A 28 -7.42 -7.54 5.53
N SER A 29 -6.18 -7.49 5.11
CA SER A 29 -5.84 -6.73 3.88
C SER A 29 -6.48 -7.42 2.69
N VAL A 30 -5.94 -8.52 2.24
CA VAL A 30 -6.54 -9.22 1.09
C VAL A 30 -7.23 -10.50 1.59
N PRO A 31 -8.52 -10.46 1.66
CA PRO A 31 -9.30 -11.64 2.14
C PRO A 31 -9.13 -12.80 1.17
N SER A 32 -8.51 -13.86 1.62
CA SER A 32 -8.28 -15.03 0.72
C SER A 32 -7.32 -14.61 -0.40
N LEU A 33 -6.73 -13.45 -0.28
CA LEU A 33 -5.78 -12.95 -1.31
C LEU A 33 -6.52 -12.57 -2.59
N GLN A 34 -7.80 -12.73 -2.60
CA GLN A 34 -8.61 -12.36 -3.79
C GLN A 34 -7.99 -12.89 -5.08
N GLY A 35 -7.43 -14.06 -5.06
CA GLY A 35 -6.83 -14.62 -6.32
C GLY A 35 -5.58 -15.44 -6.00
N GLU A 36 -4.71 -14.94 -5.16
CA GLU A 36 -3.47 -15.71 -4.84
C GLU A 36 -3.81 -16.97 -4.04
N LYS A 37 -3.22 -18.07 -4.39
CA LYS A 37 -3.50 -19.34 -3.64
C LYS A 37 -3.28 -19.09 -2.15
N ALA A 38 -2.54 -18.06 -1.82
CA ALA A 38 -2.29 -17.74 -0.38
C ALA A 38 -1.96 -19.01 0.43
N SER A 39 -0.70 -19.26 0.68
CA SER A 39 -0.33 -20.46 1.48
C SER A 39 0.25 -20.04 2.84
N ARG A 40 1.49 -19.64 2.87
CA ARG A 40 2.11 -19.19 4.16
C ARG A 40 2.27 -17.67 4.12
N ALA A 41 2.89 -17.19 3.08
CA ALA A 41 3.07 -15.73 2.89
C ALA A 41 1.92 -15.22 2.06
N GLN A 42 0.78 -15.80 2.26
CA GLN A 42 -0.42 -15.41 1.48
C GLN A 42 -0.47 -13.89 1.30
N ILE A 43 -0.62 -13.17 2.38
CA ILE A 43 -0.68 -11.69 2.25
C ILE A 43 0.72 -11.15 1.94
N LEU A 44 1.76 -11.88 2.23
CA LEU A 44 3.11 -11.35 1.90
C LEU A 44 3.19 -11.17 0.39
N ASP A 45 2.88 -12.19 -0.36
CA ASP A 45 2.90 -12.05 -1.83
C ASP A 45 2.09 -10.81 -2.22
N LYS A 46 0.85 -10.74 -1.78
CA LYS A 46 0.04 -9.53 -2.10
C LYS A 46 0.66 -8.30 -1.44
N ALA A 47 0.69 -8.29 -0.14
CA ALA A 47 1.29 -7.14 0.63
C ALA A 47 2.47 -6.53 -0.14
N THR A 48 3.45 -7.31 -0.49
CA THR A 48 4.63 -6.75 -1.21
C THR A 48 4.18 -6.02 -2.48
N GLU A 49 3.42 -6.67 -3.32
CA GLU A 49 2.98 -6.01 -4.59
C GLU A 49 2.10 -4.78 -4.26
N TYR A 50 1.47 -4.77 -3.12
CA TYR A 50 0.61 -3.60 -2.76
C TYR A 50 1.47 -2.43 -2.29
N ILE A 51 2.35 -2.67 -1.36
CA ILE A 51 3.22 -1.57 -0.85
C ILE A 51 3.92 -0.85 -2.01
N GLN A 52 4.64 -1.58 -2.81
CA GLN A 52 5.35 -0.93 -3.96
C GLN A 52 4.34 -0.18 -4.85
N TYR A 53 3.45 -0.88 -5.48
CA TYR A 53 2.45 -0.20 -6.36
C TYR A 53 1.83 1.00 -5.63
N MET A 54 1.15 0.76 -4.55
CA MET A 54 0.51 1.89 -3.79
C MET A 54 1.49 3.06 -3.62
N ARG A 55 2.47 2.91 -2.77
CA ARG A 55 3.44 4.02 -2.54
C ARG A 55 3.78 4.73 -3.86
N ARG A 56 4.12 3.99 -4.86
CA ARG A 56 4.48 4.63 -6.17
C ARG A 56 3.38 5.61 -6.60
N LYS A 57 2.25 5.11 -7.04
CA LYS A 57 1.14 6.01 -7.47
C LYS A 57 0.86 7.07 -6.40
N VAL A 58 0.77 6.65 -5.15
CA VAL A 58 0.49 7.63 -4.06
C VAL A 58 1.27 8.93 -4.28
N HIS A 59 2.57 8.86 -4.33
CA HIS A 59 3.38 10.09 -4.54
C HIS A 59 3.02 10.76 -5.86
N THR A 60 3.19 10.07 -6.95
CA THR A 60 2.86 10.67 -8.28
C THR A 60 1.42 11.23 -8.28
N LEU A 61 0.48 10.42 -7.88
CA LEU A 61 -0.94 10.89 -7.86
C LEU A 61 -1.05 12.24 -7.16
N GLN A 62 -0.79 12.28 -5.88
CA GLN A 62 -0.89 13.56 -5.13
C GLN A 62 -0.34 14.72 -5.96
N GLN A 63 0.90 14.63 -6.36
CA GLN A 63 1.50 15.73 -7.17
C GLN A 63 0.51 16.24 -8.22
N ASP A 64 -0.24 15.34 -8.82
CA ASP A 64 -1.24 15.79 -9.84
C ASP A 64 -2.42 16.48 -9.16
N ILE A 65 -2.70 16.11 -7.95
CA ILE A 65 -3.85 16.75 -7.22
C ILE A 65 -3.44 18.17 -6.80
N ASP A 66 -2.20 18.37 -6.49
CA ASP A 66 -1.74 19.73 -6.07
C ASP A 66 -1.79 20.69 -7.26
N ASP A 67 -1.14 20.34 -8.34
CA ASP A 67 -1.14 21.23 -9.54
C ASP A 67 -2.59 21.59 -9.92
N LEU A 68 -3.49 20.66 -9.75
CA LEU A 68 -4.92 20.95 -10.11
C LEU A 68 -5.52 21.99 -9.16
N LYS A 69 -5.72 21.63 -7.92
CA LYS A 69 -6.31 22.59 -6.94
C LYS A 69 -5.72 23.99 -7.15
N ARG A 70 -4.50 24.07 -7.58
CA ARG A 70 -3.87 25.40 -7.81
C ARG A 70 -4.52 26.09 -9.02
N GLN A 71 -4.67 25.39 -10.11
CA GLN A 71 -5.29 25.99 -11.32
C GLN A 71 -6.72 26.46 -11.02
N ASN A 72 -7.65 25.55 -10.95
CA ASN A 72 -9.07 25.94 -10.68
C ASN A 72 -9.13 27.07 -9.64
N ALA A 73 -8.14 27.16 -8.78
CA ALA A 73 -8.15 28.26 -7.77
C ALA A 73 -7.82 29.59 -8.48
N LEU A 74 -6.79 29.59 -9.27
CA LEU A 74 -6.40 30.83 -9.99
C LEU A 74 -7.41 31.07 -11.13
N LEU A 75 -7.87 30.03 -11.75
CA LEU A 75 -8.86 30.19 -12.85
C LEU A 75 -10.08 30.94 -12.33
N GLU A 76 -10.67 30.45 -11.27
CA GLU A 76 -11.87 31.12 -10.68
C GLU A 76 -11.56 32.60 -10.43
N GLN A 77 -10.44 32.88 -9.84
CA GLN A 77 -10.09 34.30 -9.56
C GLN A 77 -10.18 35.13 -10.85
N GLN A 78 -10.15 34.48 -11.98
CA GLN A 78 -10.25 35.22 -13.27
C GLN A 78 -11.64 34.97 -13.84
N VAL A 79 -12.07 33.74 -13.79
CA VAL A 79 -13.42 33.38 -14.28
C VAL A 79 -14.47 34.27 -13.62
N ARG A 80 -14.29 34.59 -12.36
CA ARG A 80 -15.29 35.46 -11.67
C ARG A 80 -14.79 36.91 -11.63
N ALA A 81 -13.50 37.12 -11.60
CA ALA A 81 -12.98 38.51 -11.58
C ALA A 81 -13.65 39.36 -12.66
N LEU A 82 -13.75 38.84 -13.86
CA LEU A 82 -14.38 39.62 -14.96
C LEU A 82 -15.91 39.55 -14.83
N GLU A 83 -16.44 38.41 -14.51
CA GLU A 83 -17.92 38.28 -14.37
C GLU A 83 -18.43 39.12 -13.20
N GLY A 84 -18.29 40.41 -13.29
CA GLY A 84 -18.76 41.29 -12.18
C GLY A 84 -19.38 42.57 -12.76
N SER A 85 -18.80 43.10 -13.79
CA SER A 85 -19.37 44.34 -14.41
C SER A 85 -19.26 44.27 -15.93
N GLY A 86 -19.44 43.12 -16.50
CA GLY A 86 -19.36 42.98 -17.98
C GLY A 86 -18.14 43.77 -18.50
N CYS A 87 -16.96 43.26 -18.27
CA CYS A 87 -15.73 43.96 -18.75
C CYS A 87 -15.89 45.48 -18.64
N MET B 1 31.65 -39.93 5.87
CA MET B 1 31.23 -39.56 4.50
C MET B 1 30.51 -40.74 3.83
N ALA B 2 29.39 -41.14 4.35
CA ALA B 2 28.65 -42.28 3.75
C ALA B 2 27.16 -41.94 3.62
N ASP B 3 26.83 -40.78 3.12
CA ASP B 3 25.40 -40.40 2.99
C ASP B 3 25.26 -39.18 2.06
N LYS B 4 25.39 -39.40 0.78
CA LYS B 4 25.26 -38.25 -0.17
C LYS B 4 26.33 -37.20 0.11
N ARG B 5 27.23 -36.99 -0.81
CA ARG B 5 28.30 -35.97 -0.58
C ARG B 5 27.69 -34.61 -0.27
N ALA B 6 27.25 -33.90 -1.27
CA ALA B 6 26.64 -32.55 -1.02
C ALA B 6 26.03 -31.99 -2.31
N HIS B 7 25.44 -30.85 -2.25
CA HIS B 7 24.82 -30.25 -3.47
C HIS B 7 23.70 -31.15 -3.99
N HIS B 8 22.72 -31.42 -3.17
CA HIS B 8 21.60 -32.28 -3.61
C HIS B 8 20.32 -31.94 -2.82
N ASN B 9 19.71 -30.84 -3.13
CA ASN B 9 18.45 -30.46 -2.40
C ASN B 9 17.24 -31.09 -3.07
N ALA B 10 16.08 -30.90 -2.51
CA ALA B 10 14.85 -31.49 -3.12
C ALA B 10 14.31 -30.56 -4.20
N LEU B 11 13.50 -31.08 -5.09
CA LEU B 11 12.93 -30.22 -6.17
C LEU B 11 11.53 -29.73 -5.77
N GLU B 12 10.93 -30.35 -4.80
CA GLU B 12 9.57 -29.92 -4.37
C GLU B 12 9.65 -28.63 -3.55
N ARG B 13 8.99 -27.58 -4.00
CA ARG B 13 9.04 -26.30 -3.25
C ARG B 13 8.82 -26.56 -1.76
N LYS B 14 9.23 -25.62 -0.93
CA LYS B 14 9.06 -25.82 0.54
C LYS B 14 8.00 -24.85 1.09
N ARG B 15 7.31 -25.24 2.12
CA ARG B 15 6.26 -24.34 2.70
C ARG B 15 6.81 -23.58 3.91
N ARG B 16 7.92 -24.02 4.45
CA ARG B 16 8.51 -23.33 5.62
C ARG B 16 9.24 -22.07 5.17
N ASP B 17 10.10 -22.18 4.20
CA ASP B 17 10.84 -20.99 3.70
C ASP B 17 9.99 -20.24 2.67
N HIS B 18 8.72 -20.55 2.61
CA HIS B 18 7.83 -19.86 1.62
C HIS B 18 7.83 -18.35 1.85
N ILE B 19 7.32 -17.89 2.95
CA ILE B 19 7.31 -16.42 3.17
C ILE B 19 8.72 -15.87 3.04
N LYS B 20 9.67 -16.34 3.83
CA LYS B 20 11.09 -15.84 3.72
C LYS B 20 11.36 -15.37 2.28
N ASP B 21 11.10 -16.20 1.31
CA ASP B 21 11.33 -15.78 -0.09
C ASP B 21 10.53 -14.50 -0.32
N SER B 22 9.23 -14.56 -0.15
CA SER B 22 8.40 -13.33 -0.31
C SER B 22 8.95 -12.27 0.66
N PHE B 23 9.16 -12.66 1.89
CA PHE B 23 9.72 -11.70 2.89
C PHE B 23 10.85 -10.91 2.23
N HIS B 24 11.84 -11.61 1.74
CA HIS B 24 12.97 -10.90 1.07
C HIS B 24 12.41 -9.78 0.18
N SER B 25 11.41 -10.08 -0.60
CA SER B 25 10.81 -9.02 -1.45
C SER B 25 10.20 -7.94 -0.53
N LEU B 26 9.42 -8.37 0.43
CA LEU B 26 8.83 -7.39 1.38
C LEU B 26 9.96 -6.55 1.98
N ARG B 27 11.07 -7.19 2.24
CA ARG B 27 12.24 -6.44 2.80
C ARG B 27 12.52 -5.26 1.88
N ASP B 28 12.27 -5.43 0.61
CA ASP B 28 12.49 -4.33 -0.35
C ASP B 28 11.48 -3.22 -0.07
N SER B 29 10.34 -3.57 0.48
CA SER B 29 9.32 -2.54 0.79
C SER B 29 9.88 -1.62 1.88
N VAL B 30 9.92 -2.08 3.10
CA VAL B 30 10.47 -1.23 4.18
C VAL B 30 11.83 -1.78 4.61
N PRO B 31 12.87 -1.10 4.19
CA PRO B 31 14.25 -1.53 4.52
C PRO B 31 14.48 -1.43 6.03
N SER B 32 14.68 -2.54 6.68
CA SER B 32 14.87 -2.53 8.16
C SER B 32 13.58 -2.07 8.83
N LEU B 33 12.51 -1.97 8.08
CA LEU B 33 11.20 -1.51 8.63
C LEU B 33 11.24 -0.03 8.97
N GLN B 34 12.35 0.61 8.74
CA GLN B 34 12.46 2.07 9.00
C GLN B 34 11.90 2.44 10.38
N GLY B 35 12.10 1.60 11.36
CA GLY B 35 11.57 1.94 12.72
C GLY B 35 11.09 0.68 13.46
N GLU B 36 10.37 -0.18 12.79
CA GLU B 36 9.89 -1.41 13.48
C GLU B 36 11.05 -2.34 13.79
N LYS B 37 11.08 -2.89 14.98
CA LYS B 37 12.19 -3.83 15.33
C LYS B 37 12.29 -4.91 14.27
N ALA B 38 11.23 -5.11 13.52
CA ALA B 38 11.27 -6.14 12.45
C ALA B 38 11.91 -7.44 12.93
N SER B 39 11.10 -8.41 13.30
CA SER B 39 11.68 -9.71 13.75
C SER B 39 11.35 -10.83 12.74
N ARG B 40 10.16 -11.35 12.76
CA ARG B 40 9.78 -12.42 11.79
C ARG B 40 8.82 -11.83 10.76
N ALA B 41 7.78 -11.20 11.24
CA ALA B 41 6.81 -10.54 10.35
C ALA B 41 7.22 -9.08 10.20
N GLN B 42 8.49 -8.86 10.19
CA GLN B 42 9.01 -7.48 10.08
C GLN B 42 8.20 -6.68 9.07
N ILE B 43 8.22 -7.06 7.83
CA ILE B 43 7.42 -6.30 6.82
C ILE B 43 5.95 -6.59 7.00
N LEU B 44 5.59 -7.68 7.63
CA LEU B 44 4.13 -7.94 7.83
C LEU B 44 3.57 -6.81 8.67
N ASP B 45 4.16 -6.55 9.81
CA ASP B 45 3.66 -5.44 10.65
C ASP B 45 3.53 -4.19 9.77
N LYS B 46 4.59 -3.81 9.11
CA LYS B 46 4.51 -2.61 8.22
C LYS B 46 3.54 -2.89 7.08
N ALA B 47 3.85 -3.84 6.25
CA ALA B 47 2.97 -4.20 5.11
C ALA B 47 1.50 -4.03 5.46
N THR B 48 1.04 -4.66 6.52
CA THR B 48 -0.40 -4.52 6.89
C THR B 48 -0.79 -3.05 7.05
N GLU B 49 -0.06 -2.31 7.85
CA GLU B 49 -0.41 -0.88 8.05
C GLU B 49 -0.28 -0.11 6.73
N TYR B 50 0.52 -0.59 5.81
CA TYR B 50 0.68 0.13 4.51
C TYR B 50 -0.51 -0.18 3.60
N ILE B 51 -0.82 -1.43 3.41
CA ILE B 51 -1.97 -1.79 2.53
C ILE B 51 -3.23 -1.01 2.94
N GLN B 52 -3.64 -1.14 4.17
CA GLN B 52 -4.86 -0.41 4.63
C GLN B 52 -4.71 1.09 4.37
N TYR B 53 -3.79 1.73 5.04
CA TYR B 53 -3.60 3.20 4.84
C TYR B 53 -3.56 3.53 3.34
N MET B 54 -2.59 3.01 2.63
CA MET B 54 -2.48 3.30 1.17
C MET B 54 -3.84 3.15 0.47
N ARG B 55 -4.31 1.94 0.31
CA ARG B 55 -5.62 1.72 -0.38
C ARG B 55 -6.64 2.79 0.03
N ARG B 56 -6.79 3.02 1.32
CA ARG B 56 -7.77 4.05 1.78
C ARG B 56 -7.54 5.38 1.04
N LYS B 57 -6.49 6.09 1.37
CA LYS B 57 -6.22 7.38 0.69
C LYS B 57 -6.26 7.22 -0.83
N VAL B 58 -5.63 6.20 -1.34
CA VAL B 58 -5.63 5.99 -2.82
C VAL B 58 -7.01 6.29 -3.40
N HIS B 59 -8.02 5.58 -2.98
CA HIS B 59 -9.39 5.83 -3.52
C HIS B 59 -9.82 7.27 -3.25
N THR B 60 -9.89 7.67 -2.02
CA THR B 60 -10.31 9.06 -1.69
C THR B 60 -9.46 10.07 -2.48
N LEU B 61 -8.17 9.95 -2.41
CA LEU B 61 -7.29 10.91 -3.14
C LEU B 61 -7.73 11.04 -4.60
N GLN B 62 -7.61 10.00 -5.36
CA GLN B 62 -8.02 10.06 -6.80
C GLN B 62 -9.31 10.86 -6.96
N GLN B 63 -10.37 10.45 -6.30
CA GLN B 63 -11.66 11.18 -6.42
C GLN B 63 -11.41 12.69 -6.39
N ASP B 64 -10.51 13.15 -5.57
CA ASP B 64 -10.23 14.61 -5.50
C ASP B 64 -9.47 15.06 -6.75
N ILE B 65 -8.72 14.18 -7.35
CA ILE B 65 -7.96 14.55 -8.57
C ILE B 65 -8.91 14.64 -9.76
N ASP B 66 -9.94 13.83 -9.77
CA ASP B 66 -10.92 13.87 -10.89
C ASP B 66 -11.73 15.17 -10.84
N ASP B 67 -12.36 15.45 -9.73
CA ASP B 67 -13.16 16.70 -9.62
C ASP B 67 -12.31 17.91 -10.02
N LEU B 68 -11.04 17.88 -9.70
CA LEU B 68 -10.16 19.03 -10.07
C LEU B 68 -9.98 19.13 -11.59
N LYS B 69 -9.28 18.18 -12.17
CA LYS B 69 -9.06 18.21 -13.65
C LYS B 69 -10.34 18.65 -14.37
N ARG B 70 -11.48 18.33 -13.81
CA ARG B 70 -12.76 18.73 -14.46
C ARG B 70 -12.94 20.24 -14.36
N GLN B 71 -12.75 20.81 -13.20
CA GLN B 71 -12.91 22.29 -13.05
C GLN B 71 -11.94 23.04 -13.95
N ASN B 72 -10.68 23.10 -13.60
CA ASN B 72 -9.69 23.83 -14.44
C ASN B 72 -9.97 23.61 -15.93
N ALA B 73 -10.58 22.49 -16.28
CA ALA B 73 -10.89 22.26 -17.72
C ALA B 73 -12.05 23.15 -18.14
N LEU B 74 -13.10 23.16 -17.35
CA LEU B 74 -14.26 24.03 -17.68
C LEU B 74 -13.91 25.49 -17.41
N LEU B 75 -13.14 25.74 -16.38
CA LEU B 75 -12.75 27.14 -16.08
C LEU B 75 -12.04 27.74 -17.28
N GLU B 76 -11.01 27.08 -17.75
CA GLU B 76 -10.26 27.60 -18.93
C GLU B 76 -11.22 27.89 -20.08
N GLN B 77 -12.11 26.97 -20.36
CA GLN B 77 -13.08 27.20 -21.47
C GLN B 77 -13.80 28.54 -21.27
N GLN B 78 -13.79 29.05 -20.07
CA GLN B 78 -14.46 30.37 -19.82
C GLN B 78 -13.37 31.42 -19.65
N VAL B 79 -12.36 31.08 -18.91
CA VAL B 79 -11.23 32.00 -18.70
C VAL B 79 -10.68 32.49 -20.06
N ARG B 80 -10.65 31.62 -21.03
CA ARG B 80 -10.14 32.03 -22.37
C ARG B 80 -11.30 32.36 -23.31
N ALA B 81 -12.44 31.74 -23.12
CA ALA B 81 -13.60 32.04 -24.00
C ALA B 81 -13.81 33.55 -24.11
N LEU B 82 -13.79 34.24 -23.00
CA LEU B 82 -14.00 35.72 -23.05
C LEU B 82 -12.71 36.42 -23.48
N GLU B 83 -11.58 35.98 -23.01
CA GLU B 83 -10.30 36.62 -23.40
C GLU B 83 -10.03 36.42 -24.89
N GLY B 84 -10.87 36.97 -25.74
CA GLY B 84 -10.65 36.80 -27.21
C GLY B 84 -10.99 38.10 -27.92
N SER B 85 -12.04 38.77 -27.50
CA SER B 85 -12.43 40.05 -28.16
C SER B 85 -12.89 41.07 -27.11
N GLY B 86 -12.28 41.07 -25.96
CA GLY B 86 -12.68 42.04 -24.90
C GLY B 86 -14.21 42.09 -24.81
N CYS B 87 -14.83 41.08 -24.26
CA CYS B 87 -16.31 41.05 -24.13
C CYS B 87 -16.98 41.73 -25.34
N MET A 1 6.14 -36.55 29.39
CA MET A 1 5.20 -36.48 30.53
C MET A 1 4.81 -35.02 30.82
N ALA A 2 3.55 -34.75 31.00
CA ALA A 2 3.10 -33.35 31.28
C ALA A 2 1.61 -33.32 31.56
N ASP A 3 1.23 -33.28 32.81
CA ASP A 3 -0.22 -33.25 33.15
C ASP A 3 -0.60 -31.90 33.77
N LYS A 4 -0.41 -30.83 33.05
CA LYS A 4 -0.75 -29.49 33.62
C LYS A 4 -1.97 -28.90 32.89
N ARG A 5 -2.29 -27.67 33.15
CA ARG A 5 -3.46 -27.04 32.48
C ARG A 5 -3.00 -26.22 31.28
N ALA A 6 -3.90 -25.89 30.39
CA ALA A 6 -3.50 -25.10 29.19
C ALA A 6 -4.25 -23.76 29.18
N HIS A 7 -3.55 -22.68 28.97
CA HIS A 7 -4.22 -21.34 28.94
C HIS A 7 -3.19 -20.23 28.73
N HIS A 8 -2.21 -20.13 29.59
CA HIS A 8 -1.18 -19.07 29.42
C HIS A 8 -0.06 -19.55 28.50
N ASN A 9 0.86 -18.69 28.16
CA ASN A 9 1.98 -19.08 27.27
C ASN A 9 1.45 -19.54 25.91
N ALA A 10 0.87 -20.71 25.84
CA ALA A 10 0.33 -21.22 24.55
C ALA A 10 1.47 -21.29 23.52
N LEU A 11 1.18 -21.78 22.34
CA LEU A 11 2.24 -21.88 21.29
C LEU A 11 2.47 -20.53 20.64
N GLU A 12 2.89 -19.55 21.41
CA GLU A 12 3.13 -18.20 20.83
C GLU A 12 4.22 -17.47 21.61
N ARG A 13 5.30 -17.13 20.95
CA ARG A 13 6.41 -16.41 21.65
C ARG A 13 6.83 -15.19 20.84
N LYS A 14 8.06 -14.77 20.97
CA LYS A 14 8.53 -13.57 20.20
C LYS A 14 9.08 -14.01 18.84
N ARG A 15 8.80 -15.21 18.44
CA ARG A 15 9.30 -15.69 17.11
C ARG A 15 8.19 -16.39 16.32
N ARG A 16 7.20 -16.92 16.98
CA ARG A 16 6.11 -17.61 16.25
C ARG A 16 4.76 -16.96 16.58
N ASP A 17 4.76 -15.68 16.84
CA ASP A 17 3.48 -14.99 17.16
C ASP A 17 3.38 -13.68 16.36
N HIS A 18 4.31 -12.80 16.53
CA HIS A 18 4.27 -11.50 15.79
C HIS A 18 3.80 -11.72 14.35
N ILE A 19 4.62 -12.28 13.50
CA ILE A 19 4.21 -12.51 12.09
C ILE A 19 2.78 -13.05 12.08
N LYS A 20 2.60 -14.32 12.35
CA LYS A 20 1.21 -14.90 12.39
C LYS A 20 0.21 -13.86 12.90
N ASP A 21 0.54 -13.14 13.94
CA ASP A 21 -0.40 -12.10 14.45
C ASP A 21 -0.66 -11.11 13.31
N SER A 22 0.38 -10.51 12.80
CA SER A 22 0.19 -9.57 11.66
C SER A 22 -0.44 -10.32 10.51
N PHE A 23 -0.03 -11.55 10.31
CA PHE A 23 -0.64 -12.37 9.22
C PHE A 23 -2.15 -12.30 9.35
N HIS A 24 -2.70 -12.78 10.45
CA HIS A 24 -4.17 -12.71 10.62
C HIS A 24 -4.66 -11.33 10.20
N SER A 25 -3.97 -10.30 10.59
CA SER A 25 -4.37 -8.92 10.19
C SER A 25 -4.10 -8.74 8.70
N LEU A 26 -3.08 -9.40 8.20
CA LEU A 26 -2.76 -9.30 6.75
C LEU A 26 -3.72 -10.17 5.95
N ARG A 27 -3.85 -11.41 6.30
CA ARG A 27 -4.79 -12.31 5.56
C ARG A 27 -6.15 -11.64 5.45
N ASP A 28 -6.56 -10.99 6.50
CA ASP A 28 -7.88 -10.30 6.47
C ASP A 28 -7.74 -8.97 5.71
N SER A 29 -6.56 -8.66 5.25
CA SER A 29 -6.35 -7.39 4.52
C SER A 29 -6.61 -7.57 3.01
N VAL A 30 -6.17 -8.65 2.41
CA VAL A 30 -6.42 -8.81 0.95
C VAL A 30 -7.23 -10.06 0.66
N PRO A 31 -8.49 -9.98 0.99
CA PRO A 31 -9.40 -11.12 0.73
C PRO A 31 -9.81 -11.07 -0.75
N SER A 32 -9.27 -10.14 -1.48
CA SER A 32 -9.62 -10.01 -2.91
C SER A 32 -8.42 -10.39 -3.79
N LEU A 33 -7.46 -11.12 -3.25
CA LEU A 33 -6.29 -11.52 -4.10
C LEU A 33 -6.83 -11.99 -5.44
N GLN A 34 -7.79 -12.87 -5.37
CA GLN A 34 -8.44 -13.40 -6.61
C GLN A 34 -7.42 -13.74 -7.70
N GLY A 35 -6.18 -13.89 -7.36
CA GLY A 35 -5.17 -14.22 -8.39
C GLY A 35 -3.98 -14.95 -7.74
N GLU A 36 -4.13 -15.38 -6.52
CA GLU A 36 -2.99 -16.08 -5.86
C GLU A 36 -3.46 -17.44 -5.34
N LYS A 37 -2.55 -18.37 -5.20
CA LYS A 37 -2.93 -19.72 -4.69
C LYS A 37 -2.90 -19.72 -3.16
N ALA A 38 -3.03 -18.56 -2.56
CA ALA A 38 -3.02 -18.48 -1.07
C ALA A 38 -1.98 -19.42 -0.44
N SER A 39 -2.07 -19.59 0.85
CA SER A 39 -1.11 -20.46 1.60
C SER A 39 -1.13 -20.03 3.08
N ARG A 40 -0.15 -20.41 3.85
CA ARG A 40 -0.16 -19.98 5.28
C ARG A 40 -0.39 -18.47 5.36
N ALA A 41 0.54 -17.67 4.90
CA ALA A 41 0.35 -16.21 4.92
C ALA A 41 0.37 -15.70 3.49
N GLN A 42 -0.65 -16.02 2.77
CA GLN A 42 -0.78 -15.61 1.34
C GLN A 42 -0.76 -14.10 1.16
N ILE A 43 -0.67 -13.34 2.21
CA ILE A 43 -0.67 -11.87 2.02
C ILE A 43 0.69 -11.45 1.49
N LEU A 44 1.71 -11.81 2.20
CA LEU A 44 3.11 -11.48 1.78
C LEU A 44 3.20 -11.44 0.26
N ASP A 45 2.53 -12.32 -0.41
CA ASP A 45 2.56 -12.28 -1.89
C ASP A 45 1.85 -11.00 -2.32
N LYS A 46 0.60 -10.86 -1.95
CA LYS A 46 -0.14 -9.62 -2.31
C LYS A 46 0.43 -8.41 -1.55
N ALA A 47 0.77 -8.60 -0.30
CA ALA A 47 1.35 -7.48 0.50
C ALA A 47 2.54 -6.85 -0.22
N THR A 48 3.62 -7.57 -0.37
CA THR A 48 4.80 -6.99 -1.06
C THR A 48 4.39 -6.23 -2.31
N GLU A 49 3.67 -6.86 -3.21
CA GLU A 49 3.27 -6.12 -4.45
C GLU A 49 2.49 -4.87 -4.07
N TYR A 50 1.66 -4.93 -3.07
CA TYR A 50 0.88 -3.73 -2.66
C TYR A 50 1.81 -2.64 -2.10
N ILE A 51 2.67 -2.99 -1.20
CA ILE A 51 3.59 -1.96 -0.61
C ILE A 51 4.28 -1.16 -1.71
N GLN A 52 4.58 -1.78 -2.82
CA GLN A 52 5.26 -1.03 -3.92
C GLN A 52 4.22 -0.40 -4.85
N TYR A 53 3.45 -1.21 -5.53
CA TYR A 53 2.42 -0.67 -6.46
C TYR A 53 1.72 0.55 -5.82
N MET A 54 1.55 0.53 -4.52
CA MET A 54 0.88 1.69 -3.85
C MET A 54 1.87 2.83 -3.64
N ARG A 55 2.98 2.56 -3.02
CA ARG A 55 3.99 3.64 -2.78
C ARG A 55 4.24 4.42 -4.08
N ARG A 56 4.44 3.72 -5.17
CA ARG A 56 4.69 4.42 -6.45
C ARG A 56 3.42 5.13 -6.93
N LYS A 57 2.29 4.50 -6.79
CA LYS A 57 1.01 5.14 -7.24
C LYS A 57 0.77 6.42 -6.44
N VAL A 58 0.73 6.33 -5.13
CA VAL A 58 0.50 7.54 -4.31
C VAL A 58 1.52 8.63 -4.66
N HIS A 59 2.71 8.23 -5.02
CA HIS A 59 3.74 9.24 -5.39
C HIS A 59 3.30 10.04 -6.61
N THR A 60 3.23 9.41 -7.75
CA THR A 60 2.79 10.12 -8.98
C THR A 60 1.35 10.62 -8.81
N LEU A 61 0.57 9.95 -8.01
CA LEU A 61 -0.83 10.39 -7.80
C LEU A 61 -0.86 11.70 -7.03
N GLN A 62 -0.56 11.67 -5.76
CA GLN A 62 -0.57 12.92 -4.95
C GLN A 62 0.03 14.07 -5.75
N GLN A 63 1.19 13.88 -6.32
CA GLN A 63 1.80 14.96 -7.13
C GLN A 63 0.80 15.49 -8.16
N ASP A 64 -0.07 14.63 -8.65
CA ASP A 64 -1.08 15.08 -9.65
C ASP A 64 -2.27 15.72 -8.94
N ILE A 65 -2.45 15.41 -7.68
CA ILE A 65 -3.60 16.00 -6.93
C ILE A 65 -3.26 17.45 -6.56
N ASP A 66 -2.02 17.70 -6.20
CA ASP A 66 -1.61 19.09 -5.85
C ASP A 66 -1.58 19.94 -7.12
N ASP A 67 -1.05 19.40 -8.19
CA ASP A 67 -0.99 20.17 -9.46
C ASP A 67 -2.40 20.60 -9.86
N LEU A 68 -3.35 19.70 -9.75
CA LEU A 68 -4.75 20.05 -10.12
C LEU A 68 -5.31 21.05 -9.09
N LYS A 69 -5.15 20.77 -7.83
CA LYS A 69 -5.66 21.71 -6.79
C LYS A 69 -5.21 23.13 -7.12
N ARG A 70 -3.95 23.31 -7.38
CA ARG A 70 -3.45 24.67 -7.72
C ARG A 70 -4.16 25.20 -8.95
N GLN A 71 -4.27 24.40 -9.97
CA GLN A 71 -4.96 24.84 -11.22
C GLN A 71 -6.30 25.52 -10.88
N ASN A 72 -7.33 24.73 -10.67
CA ASN A 72 -8.67 25.34 -10.38
C ASN A 72 -8.53 26.56 -9.46
N ALA A 73 -7.50 26.62 -8.67
CA ALA A 73 -7.33 27.82 -7.79
C ALA A 73 -7.06 29.05 -8.66
N LEU A 74 -6.34 28.88 -9.74
CA LEU A 74 -6.04 30.04 -10.63
C LEU A 74 -7.18 30.26 -11.64
N LEU A 75 -7.63 29.21 -12.28
CA LEU A 75 -8.74 29.39 -13.26
C LEU A 75 -9.98 29.93 -12.56
N GLU A 76 -10.08 29.69 -11.27
CA GLU A 76 -11.27 30.18 -10.51
C GLU A 76 -11.10 31.66 -10.15
N GLN A 77 -9.96 32.02 -9.60
CA GLN A 77 -9.75 33.44 -9.23
C GLN A 77 -9.67 34.31 -10.49
N GLN A 78 -9.66 33.71 -11.64
CA GLN A 78 -9.61 34.49 -12.91
C GLN A 78 -10.98 34.46 -13.53
N VAL A 79 -11.60 33.31 -13.52
CA VAL A 79 -12.96 33.18 -14.08
C VAL A 79 -13.88 34.22 -13.42
N ARG A 80 -13.76 34.41 -12.14
CA ARG A 80 -14.61 35.40 -11.43
C ARG A 80 -13.94 36.78 -11.43
N ALA A 81 -12.63 36.81 -11.33
CA ALA A 81 -11.93 38.13 -11.32
C ALA A 81 -12.40 39.00 -12.48
N LEU A 82 -12.79 38.41 -13.58
CA LEU A 82 -13.26 39.23 -14.73
C LEU A 82 -14.72 38.91 -15.07
N GLU A 83 -15.36 38.11 -14.28
CA GLU A 83 -16.79 37.76 -14.56
C GLU A 83 -17.65 39.02 -14.60
N GLY A 84 -17.63 39.74 -15.69
CA GLY A 84 -18.46 40.98 -15.79
C GLY A 84 -19.43 40.83 -16.95
N SER A 85 -20.60 40.32 -16.70
CA SER A 85 -21.60 40.14 -17.79
C SER A 85 -21.13 39.06 -18.76
N GLY A 86 -20.44 38.06 -18.27
CA GLY A 86 -19.96 36.98 -19.16
C GLY A 86 -19.32 37.59 -20.42
N CYS A 87 -18.17 38.16 -20.29
CA CYS A 87 -17.50 38.77 -21.48
C CYS A 87 -17.01 37.68 -22.43
N MET B 1 22.73 -40.37 9.39
CA MET B 1 23.77 -40.66 8.35
C MET B 1 23.36 -40.02 7.01
N ALA B 2 24.27 -39.37 6.36
CA ALA B 2 23.95 -38.73 5.06
C ALA B 2 25.20 -38.10 4.45
N ASP B 3 25.81 -38.78 3.52
CA ASP B 3 27.04 -38.23 2.88
C ASP B 3 26.78 -37.91 1.41
N LYS B 4 25.87 -37.02 1.14
CA LYS B 4 25.57 -36.67 -0.28
C LYS B 4 26.02 -35.23 -0.57
N ARG B 5 25.69 -34.72 -1.72
CA ARG B 5 26.10 -33.33 -2.07
C ARG B 5 24.97 -32.35 -1.77
N ALA B 6 25.26 -31.08 -1.68
CA ALA B 6 24.20 -30.08 -1.38
C ALA B 6 24.07 -29.10 -2.55
N HIS B 7 22.88 -28.84 -3.00
CA HIS B 7 22.69 -27.89 -4.14
C HIS B 7 21.21 -27.80 -4.52
N HIS B 8 20.60 -28.91 -4.87
CA HIS B 8 19.16 -28.89 -5.25
C HIS B 8 18.28 -29.03 -4.01
N ASN B 9 16.99 -28.90 -4.17
CA ASN B 9 16.06 -29.03 -3.01
C ASN B 9 16.36 -27.96 -1.96
N ALA B 10 17.45 -28.11 -1.24
CA ALA B 10 17.78 -27.10 -0.19
C ALA B 10 16.65 -27.00 0.83
N LEU B 11 16.83 -26.20 1.85
CA LEU B 11 15.75 -26.07 2.88
C LEU B 11 14.66 -25.12 2.37
N GLU B 12 14.01 -25.48 1.30
CA GLU B 12 12.93 -24.61 0.76
C GLU B 12 11.87 -25.45 0.04
N ARG B 13 10.65 -25.41 0.49
CA ARG B 13 9.57 -26.19 -0.16
C ARG B 13 8.35 -25.31 -0.42
N LYS B 14 7.18 -25.88 -0.48
CA LYS B 14 5.97 -25.06 -0.71
C LYS B 14 5.39 -24.55 0.61
N ARG B 15 6.15 -24.63 1.67
CA ARG B 15 5.65 -24.16 2.99
C ARG B 15 6.70 -23.30 3.70
N ARG B 16 7.95 -23.47 3.38
CA ARG B 16 9.00 -22.64 4.05
C ARG B 16 9.82 -21.88 3.01
N ASP B 17 9.20 -21.51 1.92
CA ASP B 17 9.92 -20.76 0.87
C ASP B 17 9.10 -19.56 0.41
N HIS B 18 7.91 -19.80 -0.09
CA HIS B 18 7.05 -18.68 -0.57
C HIS B 18 7.15 -17.47 0.38
N ILE B 19 6.57 -17.56 1.55
CA ILE B 19 6.65 -16.40 2.50
C ILE B 19 8.08 -15.86 2.50
N LYS B 20 8.98 -16.52 3.20
CA LYS B 20 10.40 -16.05 3.21
C LYS B 20 10.78 -15.42 1.86
N ASP B 21 10.40 -16.04 0.78
CA ASP B 21 10.74 -15.45 -0.55
C ASP B 21 10.10 -14.07 -0.62
N SER B 22 8.81 -13.99 -0.44
CA SER B 22 8.14 -12.66 -0.45
C SER B 22 8.74 -11.81 0.66
N PHE B 23 9.04 -12.43 1.78
CA PHE B 23 9.65 -11.66 2.90
C PHE B 23 10.87 -10.91 2.35
N HIS B 24 11.85 -11.62 1.85
CA HIS B 24 13.04 -10.92 1.29
C HIS B 24 12.57 -9.75 0.43
N SER B 25 11.57 -9.97 -0.38
CA SER B 25 11.04 -8.86 -1.22
C SER B 25 10.32 -7.86 -0.33
N LEU B 26 9.73 -8.32 0.73
CA LEU B 26 9.03 -7.40 1.68
C LEU B 26 10.05 -6.68 2.55
N ARG B 27 10.92 -7.41 3.19
CA ARG B 27 11.94 -6.76 4.06
C ARG B 27 12.63 -5.66 3.26
N ASP B 28 12.91 -5.91 2.01
CA ASP B 28 13.58 -4.89 1.17
C ASP B 28 12.55 -3.83 0.74
N SER B 29 11.30 -4.01 1.12
CA SER B 29 10.26 -3.03 0.74
C SER B 29 10.15 -1.89 1.75
N VAL B 30 10.22 -2.16 3.03
CA VAL B 30 10.10 -1.04 4.01
C VAL B 30 11.37 -0.93 4.87
N PRO B 31 12.42 -0.46 4.26
CA PRO B 31 13.68 -0.27 5.01
C PRO B 31 13.58 1.04 5.79
N SER B 32 12.45 1.69 5.73
CA SER B 32 12.28 2.96 6.46
C SER B 32 11.28 2.78 7.61
N LEU B 33 11.05 1.57 8.06
CA LEU B 33 10.10 1.38 9.20
C LEU B 33 10.43 2.43 10.25
N GLN B 34 11.69 2.53 10.57
CA GLN B 34 12.16 3.54 11.57
C GLN B 34 11.24 3.63 12.79
N GLY B 35 10.43 2.64 13.01
CA GLY B 35 9.51 2.70 14.19
C GLY B 35 9.13 1.29 14.62
N GLU B 36 9.81 0.29 14.12
CA GLU B 36 9.46 -1.10 14.51
C GLU B 36 10.70 -1.82 15.04
N LYS B 37 10.52 -2.81 15.87
CA LYS B 37 11.70 -3.55 16.42
C LYS B 37 12.09 -4.67 15.45
N ALA B 38 11.72 -4.54 14.21
CA ALA B 38 12.06 -5.59 13.20
C ALA B 38 11.91 -7.01 13.77
N SER B 39 12.42 -7.97 13.04
CA SER B 39 12.34 -9.41 13.45
C SER B 39 12.53 -10.27 12.20
N ARG B 40 12.16 -11.52 12.25
CA ARG B 40 12.32 -12.37 11.03
C ARG B 40 11.71 -11.64 9.83
N ALA B 41 10.41 -11.47 9.80
CA ALA B 41 9.78 -10.75 8.67
C ALA B 41 9.10 -9.50 9.23
N GLN B 42 9.90 -8.57 9.63
CA GLN B 42 9.39 -7.29 10.21
C GLN B 42 8.51 -6.51 9.23
N ILE B 43 8.32 -6.99 8.04
CA ILE B 43 7.47 -6.22 7.10
C ILE B 43 6.02 -6.39 7.51
N LEU B 44 5.59 -7.61 7.60
CA LEU B 44 4.19 -7.91 8.00
C LEU B 44 3.68 -6.85 8.97
N ASP B 45 4.50 -6.38 9.85
CA ASP B 45 4.06 -5.31 10.77
C ASP B 45 3.82 -4.05 9.91
N LYS B 46 4.85 -3.59 9.24
CA LYS B 46 4.66 -2.39 8.37
C LYS B 46 3.76 -2.73 7.18
N ALA B 47 3.92 -3.90 6.61
CA ALA B 47 3.08 -4.30 5.44
C ALA B 47 1.60 -4.14 5.78
N THR B 48 1.09 -4.94 6.69
CA THR B 48 -0.36 -4.82 7.03
C THR B 48 -0.77 -3.36 7.17
N GLU B 49 -0.11 -2.61 8.00
CA GLU B 49 -0.52 -1.18 8.14
C GLU B 49 -0.48 -0.47 6.78
N TYR B 50 0.49 -0.79 5.96
CA TYR B 50 0.58 -0.14 4.62
C TYR B 50 -0.59 -0.57 3.73
N ILE B 51 -0.86 -1.85 3.64
CA ILE B 51 -1.98 -2.32 2.78
C ILE B 51 -3.26 -1.54 3.09
N GLN B 52 -3.47 -1.18 4.32
CA GLN B 52 -4.71 -0.42 4.67
C GLN B 52 -4.47 1.08 4.53
N TYR B 53 -3.61 1.64 5.33
CA TYR B 53 -3.32 3.10 5.24
C TYR B 53 -3.25 3.54 3.78
N MET B 54 -2.76 2.70 2.92
CA MET B 54 -2.66 3.07 1.48
C MET B 54 -4.01 2.88 0.78
N ARG B 55 -4.59 1.71 0.89
CA ARG B 55 -5.90 1.47 0.22
C ARG B 55 -6.87 2.61 0.55
N ARG B 56 -6.95 2.99 1.80
CA ARG B 56 -7.88 4.09 2.19
C ARG B 56 -7.38 5.42 1.63
N LYS B 57 -6.09 5.65 1.69
CA LYS B 57 -5.54 6.94 1.16
C LYS B 57 -5.83 7.05 -0.34
N VAL B 58 -5.39 6.08 -1.10
CA VAL B 58 -5.64 6.14 -2.58
C VAL B 58 -7.13 6.31 -2.85
N HIS B 59 -7.97 5.76 -2.02
CA HIS B 59 -9.44 5.91 -2.23
C HIS B 59 -9.84 7.38 -2.15
N THR B 60 -9.75 7.97 -0.98
CA THR B 60 -10.12 9.41 -0.84
C THR B 60 -9.19 10.27 -1.69
N LEU B 61 -8.00 9.81 -1.95
CA LEU B 61 -7.06 10.61 -2.77
C LEU B 61 -7.53 10.64 -4.22
N GLN B 62 -7.41 9.55 -4.92
CA GLN B 62 -7.86 9.50 -6.35
C GLN B 62 -9.17 10.27 -6.50
N GLN B 63 -10.14 9.98 -5.68
CA GLN B 63 -11.44 10.70 -5.78
C GLN B 63 -11.20 12.21 -5.78
N ASP B 64 -10.19 12.65 -5.09
CA ASP B 64 -9.89 14.11 -5.06
C ASP B 64 -9.08 14.51 -6.29
N ILE B 65 -8.43 13.57 -6.92
CA ILE B 65 -7.64 13.90 -8.13
C ILE B 65 -8.59 14.08 -9.32
N ASP B 66 -9.61 13.27 -9.39
CA ASP B 66 -10.59 13.40 -10.51
C ASP B 66 -11.42 14.67 -10.31
N ASP B 67 -11.85 14.91 -9.09
CA ASP B 67 -12.65 16.14 -8.82
C ASP B 67 -11.86 17.37 -9.26
N LEU B 68 -10.60 17.42 -8.94
CA LEU B 68 -9.76 18.58 -9.35
C LEU B 68 -9.58 18.58 -10.87
N LYS B 69 -9.21 17.46 -11.43
CA LYS B 69 -9.03 17.40 -12.91
C LYS B 69 -10.25 18.00 -13.60
N ARG B 70 -11.42 17.58 -13.22
CA ARG B 70 -12.65 18.15 -13.86
C ARG B 70 -12.69 19.67 -13.64
N GLN B 71 -12.45 20.11 -12.44
CA GLN B 71 -12.49 21.57 -12.17
C GLN B 71 -11.69 22.34 -13.23
N ASN B 72 -10.38 22.40 -13.08
CA ASN B 72 -9.53 23.13 -14.07
C ASN B 72 -10.08 22.96 -15.49
N ALA B 73 -10.72 21.86 -15.77
CA ALA B 73 -11.27 21.65 -17.14
C ALA B 73 -12.39 22.68 -17.41
N LEU B 74 -13.16 22.99 -16.39
CA LEU B 74 -14.26 23.97 -16.58
C LEU B 74 -13.74 25.40 -16.41
N LEU B 75 -13.00 25.67 -15.37
CA LEU B 75 -12.47 27.05 -15.17
C LEU B 75 -11.58 27.43 -16.36
N GLU B 76 -11.01 26.46 -17.03
CA GLU B 76 -10.13 26.76 -18.19
C GLU B 76 -10.96 27.05 -19.44
N GLN B 77 -11.91 26.20 -19.74
CA GLN B 77 -12.76 26.43 -20.95
C GLN B 77 -13.63 27.68 -20.76
N GLN B 78 -13.62 28.25 -19.58
CA GLN B 78 -14.43 29.47 -19.33
C GLN B 78 -13.47 30.66 -19.28
N VAL B 79 -12.38 30.48 -18.63
CA VAL B 79 -11.36 31.55 -18.55
C VAL B 79 -11.02 32.02 -19.97
N ARG B 80 -10.86 31.11 -20.89
CA ARG B 80 -10.53 31.49 -22.29
C ARG B 80 -11.80 31.72 -23.09
N ALA B 81 -12.84 30.97 -22.83
CA ALA B 81 -14.11 31.15 -23.60
C ALA B 81 -14.51 32.63 -23.62
N LEU B 82 -14.18 33.37 -22.60
CA LEU B 82 -14.57 34.81 -22.59
C LEU B 82 -13.32 35.71 -22.55
N GLU B 83 -12.16 35.12 -22.64
CA GLU B 83 -10.91 35.94 -22.59
C GLU B 83 -10.91 36.99 -23.72
N GLY B 84 -11.61 38.07 -23.54
CA GLY B 84 -11.64 39.12 -24.59
C GLY B 84 -11.10 40.43 -24.02
N SER B 85 -9.82 40.65 -24.13
CA SER B 85 -9.23 41.90 -23.58
C SER B 85 -9.27 41.88 -22.05
N GLY B 86 -9.15 40.72 -21.46
CA GLY B 86 -9.20 40.64 -19.97
C GLY B 86 -10.36 41.47 -19.44
N CYS B 87 -11.57 41.00 -19.62
CA CYS B 87 -12.75 41.77 -19.12
C CYS B 87 -12.80 41.72 -17.59
N MET A 1 2.70 -36.30 36.70
CA MET A 1 1.24 -36.07 36.87
C MET A 1 0.88 -34.64 36.46
N ALA A 2 -0.02 -34.48 35.54
CA ALA A 2 -0.41 -33.11 35.10
C ALA A 2 -1.10 -32.37 36.25
N ASP A 3 -0.39 -31.53 36.95
CA ASP A 3 -1.00 -30.80 38.09
C ASP A 3 -1.35 -29.36 37.68
N LYS A 4 -0.66 -28.83 36.70
CA LYS A 4 -0.96 -27.43 36.25
C LYS A 4 -1.41 -27.43 34.79
N ARG A 5 -2.43 -26.68 34.47
CA ARG A 5 -2.92 -26.64 33.07
C ARG A 5 -3.58 -25.28 32.78
N ALA A 6 -2.80 -24.24 32.69
CA ALA A 6 -3.39 -22.89 32.41
C ALA A 6 -4.07 -22.89 31.05
N HIS A 7 -4.19 -21.73 30.44
CA HIS A 7 -4.85 -21.66 29.10
C HIS A 7 -3.80 -21.74 27.99
N HIS A 8 -3.67 -22.87 27.36
CA HIS A 8 -2.66 -23.01 26.26
C HIS A 8 -1.35 -22.34 26.67
N ASN A 9 -0.57 -22.98 27.50
CA ASN A 9 0.73 -22.38 27.93
C ASN A 9 1.59 -22.04 26.70
N ALA A 10 2.39 -21.02 26.79
CA ALA A 10 3.24 -20.66 25.63
C ALA A 10 4.41 -19.77 26.09
N LEU A 11 5.61 -20.30 26.10
CA LEU A 11 6.78 -19.50 26.54
C LEU A 11 7.84 -19.48 25.44
N GLU A 12 7.77 -20.40 24.52
CA GLU A 12 8.78 -20.42 23.42
C GLU A 12 8.12 -20.02 22.09
N ARG A 13 8.07 -18.75 21.79
CA ARG A 13 7.43 -18.30 20.52
C ARG A 13 8.37 -18.52 19.33
N LYS A 14 9.65 -18.42 19.54
CA LYS A 14 10.61 -18.64 18.43
C LYS A 14 10.17 -17.87 17.17
N ARG A 15 10.39 -18.45 16.02
CA ARG A 15 9.98 -17.75 14.76
C ARG A 15 8.77 -18.46 14.15
N ARG A 16 7.77 -18.76 14.95
CA ARG A 16 6.56 -19.44 14.40
C ARG A 16 5.31 -18.95 15.11
N ASP A 17 5.05 -17.66 15.05
CA ASP A 17 3.84 -17.12 15.73
C ASP A 17 3.77 -15.60 15.55
N HIS A 18 4.90 -14.96 15.44
CA HIS A 18 4.89 -13.47 15.27
C HIS A 18 4.18 -13.09 13.97
N ILE A 19 4.72 -13.45 12.84
CA ILE A 19 4.06 -13.07 11.56
C ILE A 19 2.58 -13.49 11.62
N LYS A 20 2.30 -14.70 12.04
CA LYS A 20 0.86 -15.13 12.11
C LYS A 20 0.01 -13.99 12.64
N ASP A 21 0.29 -13.51 13.82
CA ASP A 21 -0.50 -12.39 14.37
C ASP A 21 -0.67 -11.33 13.28
N SER A 22 0.40 -11.01 12.61
CA SER A 22 0.32 -10.03 11.50
C SER A 22 -0.44 -10.65 10.32
N PHE A 23 -0.08 -11.84 9.94
CA PHE A 23 -0.79 -12.51 8.81
C PHE A 23 -2.29 -12.30 8.99
N HIS A 24 -2.86 -12.89 10.01
CA HIS A 24 -4.32 -12.72 10.25
C HIS A 24 -4.74 -11.27 9.98
N SER A 25 -4.08 -10.33 10.61
CA SER A 25 -4.43 -8.90 10.37
C SER A 25 -4.18 -8.57 8.90
N LEU A 26 -3.14 -9.10 8.33
CA LEU A 26 -2.84 -8.83 6.90
C LEU A 26 -3.88 -9.52 6.02
N ARG A 27 -4.11 -10.79 6.24
CA ARG A 27 -5.13 -11.51 5.43
C ARG A 27 -6.42 -10.71 5.45
N ASP A 28 -6.71 -10.09 6.56
CA ASP A 28 -7.95 -9.26 6.66
C ASP A 28 -7.79 -8.05 5.76
N SER A 29 -6.57 -7.73 5.41
CA SER A 29 -6.32 -6.57 4.51
C SER A 29 -6.95 -6.86 3.15
N VAL A 30 -6.51 -7.90 2.48
CA VAL A 30 -7.12 -8.21 1.15
C VAL A 30 -7.95 -9.48 1.26
N PRO A 31 -9.24 -9.31 1.35
CA PRO A 31 -10.16 -10.46 1.47
C PRO A 31 -10.14 -11.29 0.19
N SER A 32 -9.75 -12.54 0.32
CA SER A 32 -9.68 -13.45 -0.85
C SER A 32 -8.56 -13.02 -1.82
N LEU A 33 -7.95 -11.87 -1.60
CA LEU A 33 -6.86 -11.42 -2.53
C LEU A 33 -7.31 -11.42 -3.96
N GLN A 34 -8.56 -11.44 -4.09
CA GLN A 34 -9.20 -11.43 -5.44
C GLN A 34 -8.39 -12.34 -6.39
N GLY A 35 -8.35 -13.60 -6.09
CA GLY A 35 -7.57 -14.54 -6.95
C GLY A 35 -6.36 -15.03 -6.16
N GLU A 36 -6.44 -14.99 -4.86
CA GLU A 36 -5.31 -15.43 -4.00
C GLU A 36 -4.56 -16.61 -4.62
N LYS A 37 -3.35 -16.81 -4.19
CA LYS A 37 -2.52 -17.94 -4.71
C LYS A 37 -1.08 -17.82 -4.20
N ALA A 38 -0.71 -16.66 -3.70
CA ALA A 38 0.66 -16.44 -3.17
C ALA A 38 1.25 -17.72 -2.55
N SER A 39 1.10 -17.89 -1.26
CA SER A 39 1.65 -19.11 -0.58
C SER A 39 1.71 -18.91 0.94
N ARG A 40 1.80 -19.98 1.69
CA ARG A 40 1.87 -19.88 3.18
C ARG A 40 0.89 -18.82 3.72
N ALA A 41 1.35 -17.64 4.07
CA ALA A 41 0.42 -16.60 4.57
C ALA A 41 -0.26 -15.99 3.37
N GLN A 42 0.48 -15.88 2.30
CA GLN A 42 -0.06 -15.34 1.01
C GLN A 42 -0.23 -13.82 1.06
N ILE A 43 -0.27 -13.25 2.23
CA ILE A 43 -0.43 -11.78 2.31
C ILE A 43 0.91 -11.11 2.01
N LEU A 44 1.99 -11.83 2.17
CA LEU A 44 3.32 -11.23 1.85
C LEU A 44 3.41 -11.02 0.35
N ASP A 45 3.05 -12.02 -0.41
CA ASP A 45 3.09 -11.88 -1.89
C ASP A 45 2.31 -10.62 -2.27
N LYS A 46 1.13 -10.47 -1.74
CA LYS A 46 0.34 -9.24 -2.06
C LYS A 46 0.90 -8.05 -1.29
N ALA A 47 1.26 -8.26 -0.05
CA ALA A 47 1.83 -7.16 0.77
C ALA A 47 2.94 -6.46 -0.01
N THR A 48 3.85 -7.22 -0.56
CA THR A 48 4.96 -6.60 -1.34
C THR A 48 4.41 -5.90 -2.58
N GLU A 49 3.51 -6.54 -3.29
CA GLU A 49 2.94 -5.91 -4.51
C GLU A 49 2.21 -4.61 -4.15
N TYR A 50 1.25 -4.69 -3.26
CA TYR A 50 0.51 -3.46 -2.88
C TYR A 50 1.51 -2.38 -2.45
N ILE A 51 2.23 -2.59 -1.38
CA ILE A 51 3.21 -1.58 -0.91
C ILE A 51 3.97 -0.99 -2.11
N GLN A 52 4.36 -1.80 -3.06
CA GLN A 52 5.10 -1.27 -4.24
C GLN A 52 4.12 -0.66 -5.25
N TYR A 53 3.38 -1.48 -5.94
CA TYR A 53 2.41 -0.94 -6.94
C TYR A 53 1.64 0.25 -6.34
N MET A 54 1.16 0.11 -5.13
CA MET A 54 0.40 1.22 -4.50
C MET A 54 1.32 2.42 -4.24
N ARG A 55 2.41 2.21 -3.53
CA ARG A 55 3.34 3.33 -3.23
C ARG A 55 3.54 4.21 -4.47
N ARG A 56 4.22 3.72 -5.47
CA ARG A 56 4.44 4.53 -6.69
C ARG A 56 3.11 5.09 -7.20
N LYS A 57 2.03 4.42 -6.96
CA LYS A 57 0.71 4.91 -7.44
C LYS A 57 0.29 6.14 -6.63
N VAL A 58 0.54 6.14 -5.35
CA VAL A 58 0.15 7.31 -4.50
C VAL A 58 0.95 8.55 -4.92
N HIS A 59 2.24 8.41 -5.08
CA HIS A 59 3.08 9.57 -5.48
C HIS A 59 2.56 10.17 -6.78
N THR A 60 2.57 9.40 -7.84
CA THR A 60 2.07 9.92 -9.15
C THR A 60 0.68 10.55 -8.97
N LEU A 61 -0.28 9.77 -8.57
CA LEU A 61 -1.66 10.31 -8.38
C LEU A 61 -1.60 11.69 -7.70
N GLN A 62 -0.83 11.80 -6.65
CA GLN A 62 -0.72 13.10 -5.94
C GLN A 62 -0.26 14.20 -6.91
N GLN A 63 0.79 13.96 -7.64
CA GLN A 63 1.29 14.99 -8.59
C GLN A 63 0.15 15.52 -9.45
N ASP A 64 -0.80 14.68 -9.80
CA ASP A 64 -1.94 15.13 -10.64
C ASP A 64 -2.88 16.00 -9.81
N ILE A 65 -2.85 15.86 -8.51
CA ILE A 65 -3.74 16.69 -7.64
C ILE A 65 -3.10 18.06 -7.41
N ASP A 66 -1.85 18.09 -7.05
CA ASP A 66 -1.17 19.40 -6.82
C ASP A 66 -1.28 20.27 -8.06
N ASP A 67 -1.05 19.71 -9.22
CA ASP A 67 -1.15 20.51 -10.47
C ASP A 67 -2.59 21.01 -10.65
N LEU A 68 -3.54 20.11 -10.67
CA LEU A 68 -4.96 20.52 -10.85
C LEU A 68 -5.38 21.47 -9.71
N LYS A 69 -5.04 21.14 -8.50
CA LYS A 69 -5.42 22.01 -7.35
C LYS A 69 -5.08 23.47 -7.65
N ARG A 70 -3.85 23.74 -7.98
CA ARG A 70 -3.44 25.15 -8.28
C ARG A 70 -4.25 25.70 -9.45
N GLN A 71 -4.48 24.89 -10.45
CA GLN A 71 -5.25 25.37 -11.63
C GLN A 71 -6.57 26.02 -11.18
N ASN A 72 -7.58 25.24 -10.90
CA ASN A 72 -8.88 25.82 -10.47
C ASN A 72 -8.64 26.97 -9.48
N ALA A 73 -7.55 26.95 -8.76
CA ALA A 73 -7.26 28.05 -7.80
C ALA A 73 -7.19 29.37 -8.55
N LEU A 74 -6.21 29.51 -9.41
CA LEU A 74 -6.08 30.78 -10.18
C LEU A 74 -7.12 30.79 -11.31
N LEU A 75 -7.52 29.64 -11.76
CA LEU A 75 -8.53 29.58 -12.86
C LEU A 75 -9.82 30.27 -12.42
N GLU A 76 -10.29 29.95 -11.24
CA GLU A 76 -11.54 30.58 -10.74
C GLU A 76 -11.27 32.04 -10.36
N GLN A 77 -10.09 32.33 -9.87
CA GLN A 77 -9.76 33.72 -9.49
C GLN A 77 -9.92 34.64 -10.70
N GLN A 78 -9.99 34.09 -11.87
CA GLN A 78 -10.16 34.92 -13.09
C GLN A 78 -11.60 34.76 -13.57
N VAL A 79 -12.11 33.58 -13.44
CA VAL A 79 -13.51 33.31 -13.84
C VAL A 79 -14.45 34.09 -12.91
N ARG A 80 -13.94 34.52 -11.78
CA ARG A 80 -14.78 35.30 -10.82
C ARG A 80 -14.33 36.76 -10.80
N ALA A 81 -13.09 37.01 -11.13
CA ALA A 81 -12.59 38.41 -11.13
C ALA A 81 -12.54 38.96 -12.57
N LEU A 82 -13.24 38.32 -13.47
CA LEU A 82 -13.23 38.80 -14.89
C LEU A 82 -14.49 38.31 -15.61
N GLU A 83 -15.59 38.20 -14.91
CA GLU A 83 -16.85 37.73 -15.57
C GLU A 83 -17.39 38.81 -16.51
N GLY A 84 -18.57 38.61 -17.04
CA GLY A 84 -19.15 39.62 -17.96
C GLY A 84 -19.11 39.10 -19.40
N SER A 85 -19.23 39.98 -20.36
CA SER A 85 -19.20 39.54 -21.79
C SER A 85 -17.77 39.62 -22.33
N GLY A 86 -17.33 38.61 -23.02
CA GLY A 86 -15.95 38.61 -23.58
C GLY A 86 -15.67 39.99 -24.22
N CYS A 87 -14.99 40.84 -23.52
CA CYS A 87 -14.68 42.19 -24.08
C CYS A 87 -13.22 42.26 -24.52
N MET B 1 27.46 -43.59 3.66
CA MET B 1 28.55 -42.82 3.00
C MET B 1 27.95 -41.72 2.11
N ALA B 2 28.33 -40.49 2.35
CA ALA B 2 27.78 -39.38 1.52
C ALA B 2 28.26 -39.51 0.07
N ASP B 3 27.43 -40.04 -0.79
CA ASP B 3 27.85 -40.21 -2.21
C ASP B 3 27.24 -39.10 -3.08
N LYS B 4 26.15 -38.53 -2.65
CA LYS B 4 25.51 -37.45 -3.46
C LYS B 4 25.45 -36.15 -2.66
N ARG B 5 25.79 -35.05 -3.27
CA ARG B 5 25.75 -33.75 -2.54
C ARG B 5 25.48 -32.59 -3.50
N ALA B 6 24.27 -32.50 -4.00
CA ALA B 6 23.94 -31.40 -4.96
C ALA B 6 24.10 -30.04 -4.27
N HIS B 7 23.41 -29.04 -4.76
CA HIS B 7 23.52 -27.70 -4.13
C HIS B 7 22.42 -27.49 -3.09
N HIS B 8 22.75 -27.60 -1.83
CA HIS B 8 21.72 -27.42 -0.77
C HIS B 8 20.42 -28.13 -1.17
N ASN B 9 20.38 -29.43 -1.01
CA ASN B 9 19.14 -30.18 -1.38
C ASN B 9 17.94 -29.62 -0.62
N ALA B 10 16.77 -29.67 -1.20
CA ALA B 10 15.56 -29.14 -0.50
C ALA B 10 14.29 -29.72 -1.13
N LEU B 11 13.63 -30.61 -0.43
CA LEU B 11 12.38 -31.21 -0.99
C LEU B 11 11.21 -30.98 -0.02
N GLU B 12 11.50 -30.68 1.21
CA GLU B 12 10.42 -30.44 2.20
C GLU B 12 10.36 -28.96 2.58
N ARG B 13 9.64 -28.17 1.84
CA ARG B 13 9.56 -26.71 2.15
C ARG B 13 8.59 -26.46 3.32
N LYS B 14 7.57 -27.26 3.45
CA LYS B 14 6.61 -27.07 4.57
C LYS B 14 6.21 -25.60 4.70
N ARG B 15 6.02 -25.13 5.91
CA ARG B 15 5.63 -23.71 6.10
C ARG B 15 6.80 -22.91 6.67
N ARG B 16 7.97 -23.08 6.12
CA ARG B 16 9.15 -22.33 6.65
C ARG B 16 10.09 -21.95 5.50
N ASP B 17 9.59 -21.22 4.54
CA ASP B 17 10.45 -20.81 3.39
C ASP B 17 9.65 -19.98 2.39
N HIS B 18 8.37 -20.23 2.29
CA HIS B 18 7.52 -19.47 1.32
C HIS B 18 7.53 -17.98 1.68
N ILE B 19 6.98 -17.61 2.80
CA ILE B 19 6.96 -16.17 3.16
C ILE B 19 8.37 -15.59 3.05
N LYS B 20 9.36 -16.26 3.57
CA LYS B 20 10.75 -15.72 3.46
C LYS B 20 10.97 -15.14 2.06
N ASP B 21 10.82 -15.95 1.05
CA ASP B 21 11.00 -15.42 -0.34
C ASP B 21 10.26 -14.09 -0.45
N SER B 22 9.05 -14.05 0.05
CA SER B 22 8.28 -12.78 0.00
C SER B 22 8.89 -11.79 1.00
N PHE B 23 9.14 -12.23 2.21
CA PHE B 23 9.75 -11.32 3.21
C PHE B 23 10.88 -10.54 2.55
N HIS B 24 11.94 -11.22 2.17
CA HIS B 24 13.09 -10.53 1.51
C HIS B 24 12.56 -9.48 0.53
N SER B 25 11.71 -9.89 -0.38
CA SER B 25 11.16 -8.90 -1.35
C SER B 25 10.37 -7.83 -0.60
N LEU B 26 9.66 -8.22 0.43
CA LEU B 26 8.87 -7.24 1.23
C LEU B 26 9.83 -6.33 2.01
N ARG B 27 10.76 -6.92 2.73
CA ARG B 27 11.73 -6.10 3.50
C ARG B 27 12.33 -5.06 2.56
N ASP B 28 12.56 -5.44 1.32
CA ASP B 28 13.12 -4.48 0.33
C ASP B 28 12.09 -3.39 0.07
N SER B 29 10.85 -3.66 0.38
CA SER B 29 9.79 -2.65 0.18
C SER B 29 10.07 -1.45 1.09
N VAL B 30 10.07 -1.65 2.38
CA VAL B 30 10.35 -0.50 3.29
C VAL B 30 11.74 -0.69 3.92
N PRO B 31 12.70 0.03 3.40
CA PRO B 31 14.08 -0.06 3.92
C PRO B 31 14.17 0.49 5.33
N SER B 32 14.55 -0.35 6.25
CA SER B 32 14.65 0.05 7.69
C SER B 32 13.28 0.33 8.29
N LEU B 33 12.23 0.35 7.48
CA LEU B 33 10.86 0.61 8.03
C LEU B 33 10.82 1.90 8.81
N GLN B 34 11.80 2.65 8.59
CA GLN B 34 11.91 3.97 9.27
C GLN B 34 11.49 3.82 10.74
N GLY B 35 12.21 3.03 11.48
CA GLY B 35 11.86 2.82 12.90
C GLY B 35 11.38 1.39 13.09
N GLU B 36 11.76 0.51 12.19
CA GLU B 36 11.35 -0.92 12.27
C GLU B 36 11.22 -1.38 13.73
N LYS B 37 10.48 -2.43 13.93
CA LYS B 37 10.28 -3.00 15.30
C LYS B 37 9.21 -4.09 15.26
N ALA B 38 8.43 -4.15 14.20
CA ALA B 38 7.37 -5.17 14.08
C ALA B 38 7.76 -6.49 14.76
N SER B 39 8.33 -7.42 14.03
CA SER B 39 8.73 -8.73 14.62
C SER B 39 9.00 -9.77 13.52
N ARG B 40 9.72 -10.82 13.85
CA ARG B 40 10.01 -11.90 12.85
C ARG B 40 10.38 -11.29 11.47
N ALA B 41 9.47 -11.28 10.52
CA ALA B 41 9.80 -10.69 9.20
C ALA B 41 9.68 -9.18 9.35
N GLN B 42 8.74 -8.77 10.15
CA GLN B 42 8.52 -7.32 10.42
C GLN B 42 7.86 -6.61 9.24
N ILE B 43 7.91 -7.18 8.08
CA ILE B 43 7.27 -6.51 6.92
C ILE B 43 5.76 -6.74 6.98
N LEU B 44 5.33 -7.75 7.70
CA LEU B 44 3.86 -7.97 7.81
C LEU B 44 3.26 -6.85 8.64
N ASP B 45 3.86 -6.54 9.76
CA ASP B 45 3.34 -5.43 10.60
C ASP B 45 3.18 -4.20 9.72
N LYS B 46 4.19 -3.87 8.96
CA LYS B 46 4.08 -2.68 8.06
C LYS B 46 3.21 -3.03 6.86
N ALA B 47 3.38 -4.20 6.32
CA ALA B 47 2.56 -4.61 5.15
C ALA B 47 1.07 -4.36 5.43
N THR B 48 0.62 -4.78 6.58
CA THR B 48 -0.82 -4.56 6.92
C THR B 48 -1.10 -3.06 7.06
N GLU B 49 -0.23 -2.35 7.73
CA GLU B 49 -0.45 -0.89 7.90
C GLU B 49 -0.46 -0.19 6.54
N TYR B 50 0.58 -0.34 5.78
CA TYR B 50 0.61 0.32 4.43
C TYR B 50 -0.64 -0.06 3.64
N ILE B 51 -0.80 -1.32 3.32
CA ILE B 51 -2.00 -1.74 2.55
C ILE B 51 -3.25 -1.04 3.09
N GLN B 52 -3.38 -0.92 4.38
CA GLN B 52 -4.59 -0.24 4.95
C GLN B 52 -4.42 1.27 4.87
N TYR B 53 -3.59 1.82 5.71
CA TYR B 53 -3.38 3.30 5.71
C TYR B 53 -3.23 3.80 4.26
N MET B 54 -2.44 3.14 3.46
CA MET B 54 -2.26 3.58 2.05
C MET B 54 -3.57 3.40 1.27
N ARG B 55 -4.11 2.22 1.26
CA ARG B 55 -5.38 1.98 0.50
C ARG B 55 -6.35 3.15 0.70
N ARG B 56 -6.91 3.28 1.87
CA ARG B 56 -7.86 4.39 2.12
C ARG B 56 -7.26 5.73 1.69
N LYS B 57 -5.95 5.85 1.73
CA LYS B 57 -5.29 7.12 1.32
C LYS B 57 -5.40 7.30 -0.20
N VAL B 58 -5.24 6.24 -0.94
CA VAL B 58 -5.31 6.35 -2.42
C VAL B 58 -6.74 6.74 -2.84
N HIS B 59 -7.73 6.10 -2.30
CA HIS B 59 -9.14 6.43 -2.66
C HIS B 59 -9.41 7.92 -2.40
N THR B 60 -9.29 8.35 -1.17
CA THR B 60 -9.54 9.78 -0.86
C THR B 60 -8.72 10.68 -1.78
N LEU B 61 -7.42 10.57 -1.74
CA LEU B 61 -6.56 11.42 -2.62
C LEU B 61 -7.17 11.49 -4.02
N GLN B 62 -7.55 10.37 -4.58
CA GLN B 62 -8.13 10.37 -5.94
C GLN B 62 -9.36 11.27 -6.00
N GLN B 63 -10.26 11.14 -5.07
CA GLN B 63 -11.48 12.00 -5.08
C GLN B 63 -11.09 13.48 -5.22
N ASP B 64 -9.99 13.87 -4.64
CA ASP B 64 -9.55 15.29 -4.74
C ASP B 64 -9.03 15.58 -6.15
N ILE B 65 -8.63 14.56 -6.87
CA ILE B 65 -8.12 14.79 -8.25
C ILE B 65 -9.29 14.86 -9.24
N ASP B 66 -10.21 13.94 -9.14
CA ASP B 66 -11.39 13.96 -10.06
C ASP B 66 -12.11 15.30 -9.94
N ASP B 67 -12.32 15.77 -8.75
CA ASP B 67 -13.01 17.07 -8.55
C ASP B 67 -12.18 18.20 -9.17
N LEU B 68 -10.95 18.33 -8.75
CA LEU B 68 -10.09 19.40 -9.32
C LEU B 68 -9.94 19.23 -10.84
N LYS B 69 -9.70 18.03 -11.28
CA LYS B 69 -9.54 17.80 -12.75
C LYS B 69 -10.69 18.45 -13.53
N ARG B 70 -11.90 18.14 -13.18
CA ARG B 70 -13.07 18.74 -13.90
C ARG B 70 -13.04 20.27 -13.77
N GLN B 71 -12.71 20.77 -12.61
CA GLN B 71 -12.67 22.24 -12.41
C GLN B 71 -11.85 22.91 -13.52
N ASN B 72 -10.55 22.90 -13.39
CA ASN B 72 -9.69 23.53 -14.45
C ASN B 72 -10.23 23.21 -15.84
N ALA B 73 -10.89 22.08 -15.99
CA ALA B 73 -11.44 21.73 -17.33
C ALA B 73 -12.43 22.79 -17.79
N LEU B 74 -13.51 22.95 -17.09
CA LEU B 74 -14.50 23.99 -17.48
C LEU B 74 -14.01 25.37 -17.04
N LEU B 75 -13.19 25.41 -16.02
CA LEU B 75 -12.65 26.72 -15.54
C LEU B 75 -11.87 27.39 -16.67
N GLU B 76 -11.00 26.67 -17.31
CA GLU B 76 -10.20 27.25 -18.43
C GLU B 76 -11.09 27.47 -19.64
N GLN B 77 -12.05 26.61 -19.85
CA GLN B 77 -12.96 26.75 -21.02
C GLN B 77 -13.67 28.11 -20.96
N GLN B 78 -13.64 28.76 -19.82
CA GLN B 78 -14.28 30.09 -19.71
C GLN B 78 -13.18 31.15 -19.67
N VAL B 79 -12.11 30.81 -19.03
CA VAL B 79 -10.96 31.74 -18.95
C VAL B 79 -10.37 31.92 -20.36
N ARG B 80 -10.69 31.01 -21.25
CA ARG B 80 -10.17 31.12 -22.65
C ARG B 80 -11.31 31.48 -23.60
N ALA B 81 -12.52 31.17 -23.24
CA ALA B 81 -13.68 31.50 -24.13
C ALA B 81 -14.41 32.75 -23.60
N LEU B 82 -13.76 33.50 -22.74
CA LEU B 82 -14.41 34.72 -22.19
C LEU B 82 -13.35 35.71 -21.70
N GLU B 83 -12.22 35.76 -22.37
CA GLU B 83 -11.15 36.71 -21.94
C GLU B 83 -11.55 38.15 -22.28
N GLY B 84 -10.65 39.08 -22.10
CA GLY B 84 -11.00 40.50 -22.41
C GLY B 84 -11.15 41.29 -21.11
N SER B 85 -11.78 42.43 -21.16
CA SER B 85 -11.97 43.25 -19.92
C SER B 85 -13.30 42.89 -19.26
N GLY B 86 -13.30 42.71 -17.96
CA GLY B 86 -14.56 42.37 -17.26
C GLY B 86 -15.69 43.27 -17.77
N CYS B 87 -16.51 42.77 -18.66
CA CYS B 87 -17.63 43.60 -19.19
C CYS B 87 -18.96 43.15 -18.57
#